data_5OJP
#
_entry.id   5OJP
#
_cell.length_a   54.441
_cell.length_b   60.286
_cell.length_c   75.398
_cell.angle_alpha   68.43
_cell.angle_beta   74.83
_cell.angle_gamma   85.43
#
_symmetry.space_group_name_H-M   'P 1'
#
loop_
_entity.id
_entity.type
_entity.pdbx_description
1 polymer 'Ycf48-like protein'
2 water water
#
_entity_poly.entity_id   1
_entity_poly.type   'polypeptide(L)'
_entity_poly.pdbx_seq_one_letter_code
;MRGSHHHHHHGLVPRGSIPALDYNPWEAIQLPTTATILDMSFIDRHHGWLVGVNATLMETRDGGQTWEPRTLVLDHSDYR
FNSVSFQGNEGWIVGEPPIMLHTTDGGQSWSQIPLDPKLPGSPRLIKALGNGSAEMITNVGAIYRTKDSGKNWQALVQEA
IGVMRNLNRSPSGEYVAVSSEGSFYSTWEPGQTAWEPHNETTSEELHNMGFTPDGRLWMIVNGGKIAFSDPDNSENWGEL
LSPLRRNSVGFLDLAYRTPNEVWLAGGAGALLCSQDGGQTWQQDVDVKKVPSNFYKILFFSPDQGFILGQKGILLRYVTD
LTAAPA
;
_entity_poly.pdbx_strand_id   A,B,C
#
# COMPACT_ATOMS: atom_id res chain seq x y z
N SER A 17 -16.04 28.43 14.65
CA SER A 17 -15.88 27.35 13.65
C SER A 17 -14.53 26.59 13.79
N ILE A 18 -14.51 25.30 13.46
CA ILE A 18 -13.30 24.54 13.75
C ILE A 18 -12.14 25.03 12.87
N PRO A 19 -10.91 24.79 13.31
CA PRO A 19 -9.73 25.19 12.53
C PRO A 19 -9.68 24.58 11.14
N ALA A 20 -9.14 25.35 10.22
CA ALA A 20 -8.97 24.87 8.85
C ALA A 20 -7.74 23.99 8.81
N LEU A 21 -7.80 22.98 7.95
CA LEU A 21 -6.68 22.08 7.78
C LEU A 21 -5.56 22.80 7.02
N ASP A 22 -4.31 22.47 7.36
CA ASP A 22 -3.17 23.17 6.76
C ASP A 22 -2.98 22.76 5.30
N TYR A 23 -3.02 21.47 5.01
CA TYR A 23 -2.79 20.98 3.67
C TYR A 23 -4.04 20.25 3.17
N ASN A 24 -4.43 20.50 1.91
CA ASN A 24 -5.54 19.79 1.29
C ASN A 24 -4.95 18.70 0.43
N PRO A 25 -5.05 17.42 0.82
CA PRO A 25 -4.52 16.35 -0.01
C PRO A 25 -5.47 15.88 -1.09
N TRP A 26 -6.67 16.42 -1.22
CA TRP A 26 -7.67 15.84 -2.10
C TRP A 26 -7.68 16.61 -3.40
N GLU A 27 -7.41 15.92 -4.49
CA GLU A 27 -7.46 16.47 -5.82
C GLU A 27 -8.70 15.98 -6.52
N ALA A 28 -9.39 16.87 -7.21
CA ALA A 28 -10.54 16.44 -7.99
C ALA A 28 -10.13 15.93 -9.36
N ILE A 29 -10.78 14.85 -9.78
CA ILE A 29 -10.62 14.23 -11.09
C ILE A 29 -12.02 14.16 -11.70
N GLN A 30 -12.15 14.54 -12.97
CA GLN A 30 -13.41 14.35 -13.68
C GLN A 30 -13.34 13.08 -14.49
N LEU A 31 -14.13 12.10 -14.10
CA LEU A 31 -14.20 10.89 -14.88
C LEU A 31 -14.95 11.17 -16.18
N PRO A 32 -14.70 10.38 -17.21
CA PRO A 32 -15.45 10.55 -18.47
C PRO A 32 -16.88 10.03 -18.38
N THR A 33 -17.66 10.55 -17.45
CA THR A 33 -19.03 10.10 -17.21
C THR A 33 -19.68 11.13 -16.29
N THR A 34 -20.99 11.03 -16.14
CA THR A 34 -21.67 11.72 -15.04
C THR A 34 -22.41 10.75 -14.12
N ALA A 35 -22.24 9.43 -14.32
CA ALA A 35 -22.84 8.46 -13.42
C ALA A 35 -22.20 8.55 -12.03
N THR A 36 -22.99 8.23 -11.01
CA THR A 36 -22.47 8.11 -9.65
C THR A 36 -21.63 6.82 -9.53
N ILE A 37 -20.46 6.93 -8.89
CA ILE A 37 -19.53 5.81 -8.72
C ILE A 37 -19.83 5.12 -7.40
N LEU A 38 -19.89 3.81 -7.37
CA LEU A 38 -20.33 3.20 -6.13
C LEU A 38 -19.26 2.42 -5.41
N ASP A 39 -18.22 1.92 -6.11
CA ASP A 39 -17.22 1.16 -5.37
C ASP A 39 -15.93 1.16 -6.17
N MET A 40 -14.88 0.71 -5.52
CA MET A 40 -13.57 0.73 -6.18
C MET A 40 -12.70 -0.32 -5.52
N SER A 41 -11.78 -0.90 -6.29
CA SER A 41 -10.90 -1.93 -5.73
C SER A 41 -9.63 -2.02 -6.57
N PHE A 42 -8.51 -2.26 -5.91
CA PHE A 42 -7.25 -2.39 -6.63
C PHE A 42 -6.70 -3.83 -6.63
N ILE A 43 -6.23 -4.23 -7.81
CA ILE A 43 -5.43 -5.43 -7.98
C ILE A 43 -4.08 -5.24 -7.32
N ASP A 44 -3.45 -4.10 -7.58
CA ASP A 44 -2.18 -3.73 -6.97
C ASP A 44 -2.12 -2.21 -6.89
N ARG A 45 -0.90 -1.70 -6.69
CA ARG A 45 -0.70 -0.29 -6.44
C ARG A 45 -1.29 0.54 -7.56
N HIS A 46 -1.10 0.11 -8.80
CA HIS A 46 -1.42 0.95 -9.93
C HIS A 46 -2.67 0.53 -10.68
N HIS A 47 -3.06 -0.74 -10.59
CA HIS A 47 -4.06 -1.33 -11.45
C HIS A 47 -5.32 -1.52 -10.63
N GLY A 48 -6.40 -0.84 -11.01
CA GLY A 48 -7.62 -0.85 -10.23
C GLY A 48 -8.82 -0.61 -11.10
N TRP A 49 -9.98 -0.84 -10.50
CA TRP A 49 -11.25 -0.76 -11.18
C TRP A 49 -12.22 -0.01 -10.31
N LEU A 50 -13.13 0.68 -10.95
CA LEU A 50 -14.22 1.28 -10.20
C LEU A 50 -15.49 0.96 -10.94
N VAL A 51 -16.58 0.97 -10.16
CA VAL A 51 -17.91 0.65 -10.69
C VAL A 51 -18.98 1.57 -10.13
N GLY A 52 -20.09 1.62 -10.86
CA GLY A 52 -21.18 2.47 -10.44
C GLY A 52 -22.46 2.19 -11.20
N VAL A 53 -23.32 3.21 -11.16
CA VAL A 53 -24.65 3.22 -11.76
C VAL A 53 -24.56 3.09 -13.28
N ASN A 54 -25.61 2.53 -13.89
CA ASN A 54 -25.71 2.39 -15.35
C ASN A 54 -24.61 1.50 -15.90
N ALA A 55 -24.29 0.42 -15.18
CA ALA A 55 -23.25 -0.48 -15.63
C ALA A 55 -21.94 0.27 -15.89
N THR A 56 -21.67 1.27 -15.04
CA THR A 56 -20.42 1.99 -15.23
C THR A 56 -19.25 1.13 -14.76
N LEU A 57 -18.22 1.09 -15.58
CA LEU A 57 -17.07 0.25 -15.29
C LEU A 57 -15.84 0.95 -15.86
N MET A 58 -14.88 1.25 -15.00
CA MET A 58 -13.69 1.92 -15.49
C MET A 58 -12.44 1.33 -14.84
N GLU A 59 -11.34 1.39 -15.59
CA GLU A 59 -10.03 0.87 -15.21
C GLU A 59 -8.97 1.98 -15.14
N THR A 60 -8.08 1.86 -14.16
CA THR A 60 -6.87 2.66 -14.13
C THR A 60 -5.67 1.73 -14.11
N ARG A 61 -4.61 2.21 -14.71
CA ARG A 61 -3.31 1.58 -14.71
C ARG A 61 -2.26 2.42 -14.00
N ASP A 62 -2.59 3.65 -13.57
CA ASP A 62 -1.60 4.52 -12.98
C ASP A 62 -2.00 4.95 -11.56
N GLY A 63 -2.54 4.03 -10.77
CA GLY A 63 -2.87 4.31 -9.39
C GLY A 63 -4.08 5.20 -9.18
N GLY A 64 -4.87 5.45 -10.23
CA GLY A 64 -6.09 6.18 -10.07
C GLY A 64 -6.02 7.62 -10.51
N GLN A 65 -4.89 8.05 -11.10
CA GLN A 65 -4.82 9.38 -11.68
C GLN A 65 -5.66 9.48 -12.93
N THR A 66 -5.70 8.44 -13.73
CA THR A 66 -6.47 8.44 -14.97
C THR A 66 -7.26 7.14 -15.06
N TRP A 67 -8.46 7.22 -15.64
CA TRP A 67 -9.41 6.11 -15.68
C TRP A 67 -9.97 5.93 -17.08
N GLU A 68 -10.10 4.69 -17.52
CA GLU A 68 -10.61 4.41 -18.87
C GLU A 68 -11.92 3.62 -18.79
N PRO A 69 -12.98 4.05 -19.48
CA PRO A 69 -14.22 3.27 -19.50
C PRO A 69 -14.06 1.92 -20.16
N ARG A 70 -14.78 0.94 -19.63
CA ARG A 70 -14.85 -0.39 -20.19
C ARG A 70 -16.31 -0.76 -20.38
N THR A 71 -16.64 -1.21 -21.58
CA THR A 71 -17.99 -1.57 -21.92
C THR A 71 -18.09 -3.08 -21.90
N LEU A 72 -19.11 -3.57 -21.24
CA LEU A 72 -19.40 -4.98 -21.14
C LEU A 72 -20.51 -5.33 -22.11
N VAL A 73 -20.50 -6.59 -22.52
CA VAL A 73 -21.52 -7.10 -23.40
C VAL A 73 -22.56 -7.66 -22.44
N LEU A 74 -23.55 -6.85 -22.15
CA LEU A 74 -24.59 -7.24 -21.22
C LEU A 74 -25.89 -7.31 -21.98
N ASP A 75 -26.87 -7.99 -21.40
CA ASP A 75 -28.18 -7.95 -22.02
C ASP A 75 -28.81 -6.55 -21.94
N HIS A 76 -28.52 -5.79 -20.88
CA HIS A 76 -28.90 -4.37 -20.82
C HIS A 76 -27.91 -3.62 -19.96
N SER A 77 -28.06 -2.29 -19.92
CA SER A 77 -27.11 -1.46 -19.19
C SER A 77 -27.75 -0.68 -18.05
N ASP A 78 -28.88 -1.15 -17.53
CA ASP A 78 -29.53 -0.54 -16.37
C ASP A 78 -28.98 -1.06 -15.04
N TYR A 79 -27.98 -1.90 -15.09
CA TYR A 79 -27.44 -2.48 -13.88
C TYR A 79 -26.80 -1.43 -13.02
N ARG A 80 -27.01 -1.57 -11.73
CA ARG A 80 -26.37 -0.78 -10.70
C ARG A 80 -25.24 -1.65 -10.11
N PHE A 81 -24.00 -1.40 -10.47
CA PHE A 81 -22.85 -2.15 -9.93
C PHE A 81 -22.48 -1.63 -8.54
N ASN A 82 -22.81 -2.39 -7.50
CA ASN A 82 -22.71 -2.01 -6.10
C ASN A 82 -21.35 -2.24 -5.45
N SER A 83 -20.62 -3.22 -5.93
CA SER A 83 -19.47 -3.73 -5.22
C SER A 83 -18.53 -4.36 -6.24
N VAL A 84 -17.25 -4.09 -6.08
CA VAL A 84 -16.18 -4.72 -6.87
C VAL A 84 -15.11 -5.07 -5.87
N SER A 85 -14.51 -6.26 -6.04
CA SER A 85 -13.52 -6.69 -5.07
C SER A 85 -12.50 -7.53 -5.80
N PHE A 86 -11.23 -7.17 -5.64
CA PHE A 86 -10.17 -8.00 -6.18
C PHE A 86 -9.31 -8.55 -5.07
N GLN A 87 -8.73 -9.71 -5.37
CA GLN A 87 -7.64 -10.32 -4.60
C GLN A 87 -6.64 -10.82 -5.65
N GLY A 88 -5.57 -10.04 -5.84
CA GLY A 88 -4.73 -10.33 -6.99
C GLY A 88 -5.51 -10.10 -8.27
N ASN A 89 -5.26 -10.94 -9.28
CA ASN A 89 -5.95 -10.80 -10.57
C ASN A 89 -7.36 -11.38 -10.55
N GLU A 90 -7.79 -11.96 -9.47
CA GLU A 90 -9.13 -12.51 -9.40
C GLU A 90 -10.07 -11.42 -8.90
N GLY A 91 -11.12 -11.12 -9.68
CA GLY A 91 -12.02 -10.05 -9.33
C GLY A 91 -13.46 -10.44 -9.55
N TRP A 92 -14.34 -9.72 -8.84
CA TRP A 92 -15.76 -9.99 -8.75
C TRP A 92 -16.48 -8.65 -8.76
N ILE A 93 -17.61 -8.58 -9.46
CA ILE A 93 -18.47 -7.40 -9.42
C ILE A 93 -19.87 -7.95 -9.20
N VAL A 94 -20.65 -7.30 -8.34
CA VAL A 94 -22.07 -7.63 -8.21
C VAL A 94 -22.90 -6.36 -8.30
N GLY A 95 -24.14 -6.57 -8.75
CA GLY A 95 -25.02 -5.43 -8.84
C GLY A 95 -26.46 -5.91 -8.83
N GLU A 96 -27.33 -4.93 -8.99
CA GLU A 96 -28.77 -5.07 -9.12
C GLU A 96 -29.26 -4.45 -10.42
N PRO A 97 -30.29 -5.04 -11.09
CA PRO A 97 -30.92 -6.32 -10.75
C PRO A 97 -29.87 -7.46 -10.82
N PRO A 98 -30.11 -8.57 -10.11
CA PRO A 98 -29.03 -9.50 -9.77
C PRO A 98 -28.12 -9.82 -10.94
N ILE A 99 -26.85 -9.49 -10.74
CA ILE A 99 -25.82 -9.75 -11.73
C ILE A 99 -24.52 -9.97 -10.99
N MET A 100 -23.72 -10.87 -11.51
CA MET A 100 -22.40 -11.12 -10.93
C MET A 100 -21.41 -11.36 -12.05
N LEU A 101 -20.29 -10.64 -12.01
CA LEU A 101 -19.24 -10.74 -13.02
C LEU A 101 -17.97 -11.19 -12.33
N HIS A 102 -17.17 -11.99 -13.02
CA HIS A 102 -15.95 -12.60 -12.48
C HIS A 102 -14.85 -12.51 -13.51
N THR A 103 -13.64 -12.29 -13.01
CA THR A 103 -12.46 -12.26 -13.84
C THR A 103 -11.33 -12.96 -13.11
N THR A 104 -10.48 -13.61 -13.89
CA THR A 104 -9.24 -14.17 -13.36
C THR A 104 -8.00 -13.50 -13.94
N ASP A 105 -8.15 -12.47 -14.77
CA ASP A 105 -6.97 -11.88 -15.41
C ASP A 105 -6.96 -10.38 -15.22
N GLY A 106 -7.32 -9.93 -14.01
CA GLY A 106 -7.29 -8.51 -13.70
C GLY A 106 -8.24 -7.68 -14.50
N GLY A 107 -9.33 -8.27 -14.96
CA GLY A 107 -10.32 -7.54 -15.72
C GLY A 107 -10.09 -7.51 -17.22
N GLN A 108 -9.04 -8.16 -17.73
CA GLN A 108 -8.92 -8.22 -19.19
C GLN A 108 -10.16 -8.86 -19.80
N SER A 109 -10.70 -9.89 -19.15
CA SER A 109 -11.99 -10.42 -19.59
C SER A 109 -12.91 -10.64 -18.40
N TRP A 110 -14.20 -10.45 -18.62
CA TRP A 110 -15.18 -10.58 -17.55
C TRP A 110 -16.22 -11.60 -18.01
N SER A 111 -16.53 -12.54 -17.12
CA SER A 111 -17.57 -13.53 -17.38
C SER A 111 -18.72 -13.30 -16.45
N GLN A 112 -19.92 -13.47 -16.97
CA GLN A 112 -21.07 -13.38 -16.12
C GLN A 112 -21.33 -14.73 -15.47
N ILE A 113 -21.57 -14.73 -14.17
CA ILE A 113 -21.85 -15.95 -13.42
C ILE A 113 -23.34 -16.02 -13.16
N PRO A 114 -24.02 -17.10 -13.54
CA PRO A 114 -25.46 -17.21 -13.27
C PRO A 114 -25.71 -17.27 -11.76
N LEU A 115 -26.67 -16.48 -11.31
CA LEU A 115 -27.05 -16.50 -9.90
C LEU A 115 -28.30 -17.38 -9.75
N ASP A 116 -28.43 -18.02 -8.60
CA ASP A 116 -29.68 -18.75 -8.29
C ASP A 116 -30.85 -17.77 -8.31
N PRO A 117 -31.95 -18.05 -9.03
CA PRO A 117 -33.10 -17.16 -8.91
C PRO A 117 -33.67 -17.10 -7.50
N LYS A 118 -33.41 -18.10 -6.62
CA LYS A 118 -33.93 -18.09 -5.25
C LYS A 118 -33.15 -17.20 -4.26
N LEU A 119 -32.14 -16.48 -4.72
CA LEU A 119 -31.40 -15.54 -3.91
C LEU A 119 -32.31 -14.45 -3.34
N PRO A 120 -32.43 -14.31 -2.01
CA PRO A 120 -33.35 -13.31 -1.47
C PRO A 120 -32.74 -11.93 -1.58
N GLY A 121 -33.37 -11.08 -2.39
CA GLY A 121 -32.87 -9.74 -2.66
C GLY A 121 -31.70 -9.74 -3.65
N SER A 122 -31.12 -8.60 -3.81
CA SER A 122 -30.07 -8.56 -4.83
C SER A 122 -28.70 -8.37 -4.19
N PRO A 123 -27.60 -8.79 -4.84
CA PRO A 123 -26.28 -8.67 -4.19
C PRO A 123 -25.88 -7.21 -3.95
N ARG A 124 -25.46 -6.95 -2.73
CA ARG A 124 -25.05 -5.63 -2.30
C ARG A 124 -23.54 -5.51 -2.14
N LEU A 125 -22.88 -6.59 -1.74
CA LEU A 125 -21.46 -6.59 -1.40
C LEU A 125 -20.84 -7.92 -1.81
N ILE A 126 -19.62 -7.87 -2.34
CA ILE A 126 -18.88 -9.10 -2.64
C ILE A 126 -17.45 -8.87 -2.17
N LYS A 127 -16.86 -9.91 -1.60
CA LYS A 127 -15.51 -9.81 -1.07
C LYS A 127 -14.72 -10.94 -1.69
N ALA A 128 -13.67 -10.60 -2.48
CA ALA A 128 -12.76 -11.59 -3.02
C ALA A 128 -11.90 -12.14 -1.91
N LEU A 129 -11.83 -13.46 -1.80
CA LEU A 129 -10.93 -14.10 -0.85
C LEU A 129 -9.71 -14.73 -1.52
N GLY A 130 -9.64 -14.71 -2.85
CA GLY A 130 -8.55 -15.28 -3.61
C GLY A 130 -8.73 -16.77 -3.80
N ASN A 131 -8.06 -17.30 -4.84
CA ASN A 131 -7.98 -18.76 -5.12
C ASN A 131 -9.36 -19.43 -5.21
N GLY A 132 -10.31 -18.76 -5.91
CA GLY A 132 -11.68 -19.19 -6.17
C GLY A 132 -12.70 -18.97 -5.04
N SER A 133 -12.31 -18.38 -3.91
CA SER A 133 -13.23 -18.14 -2.81
C SER A 133 -13.76 -16.71 -2.81
N ALA A 134 -15.02 -16.53 -2.46
CA ALA A 134 -15.56 -15.17 -2.29
C ALA A 134 -16.76 -15.30 -1.38
N GLU A 135 -17.12 -14.19 -0.72
CA GLU A 135 -18.30 -14.06 0.14
C GLU A 135 -19.21 -12.99 -0.45
N MET A 136 -20.52 -13.19 -0.43
CA MET A 136 -21.46 -12.23 -1.00
C MET A 136 -22.62 -12.04 -0.04
N ILE A 137 -23.08 -10.79 0.10
CA ILE A 137 -24.21 -10.45 0.96
C ILE A 137 -25.25 -9.73 0.11
N THR A 138 -26.52 -10.12 0.29
CA THR A 138 -27.59 -9.45 -0.41
C THR A 138 -28.04 -8.23 0.37
N ASN A 139 -28.90 -7.45 -0.27
CA ASN A 139 -29.33 -6.25 0.45
C ASN A 139 -30.34 -6.54 1.58
N VAL A 140 -30.78 -7.78 1.76
CA VAL A 140 -31.55 -8.13 2.93
C VAL A 140 -30.77 -9.01 3.85
N GLY A 141 -29.47 -9.13 3.60
CA GLY A 141 -28.67 -9.77 4.60
C GLY A 141 -28.44 -11.24 4.44
N ALA A 142 -28.86 -11.86 3.34
CA ALA A 142 -28.50 -13.25 3.09
C ALA A 142 -26.99 -13.29 2.78
N ILE A 143 -26.29 -14.26 3.37
CA ILE A 143 -24.82 -14.35 3.21
C ILE A 143 -24.50 -15.69 2.55
N TYR A 144 -23.73 -15.63 1.44
CA TYR A 144 -23.35 -16.79 0.68
C TYR A 144 -21.83 -16.78 0.51
N ARG A 145 -21.28 -17.98 0.48
CA ARG A 145 -19.85 -18.22 0.23
C ARG A 145 -19.66 -19.21 -0.89
N THR A 146 -18.68 -18.96 -1.78
CA THR A 146 -18.25 -19.91 -2.80
C THR A 146 -16.77 -20.24 -2.57
N LYS A 147 -16.36 -21.48 -2.85
CA LYS A 147 -14.96 -21.90 -2.83
C LYS A 147 -14.54 -22.37 -4.20
N ASP A 148 -15.43 -22.32 -5.20
CA ASP A 148 -15.11 -22.85 -6.53
C ASP A 148 -15.48 -21.86 -7.63
N SER A 149 -15.04 -20.60 -7.44
CA SER A 149 -15.15 -19.57 -8.47
C SER A 149 -16.58 -19.34 -8.87
N GLY A 150 -17.50 -19.53 -7.93
CA GLY A 150 -18.87 -19.19 -8.16
C GLY A 150 -19.70 -20.28 -8.77
N LYS A 151 -19.14 -21.46 -8.97
CA LYS A 151 -19.98 -22.54 -9.49
C LYS A 151 -21.05 -22.95 -8.48
N ASN A 152 -20.71 -22.97 -7.19
CA ASN A 152 -21.61 -23.43 -6.14
C ASN A 152 -21.54 -22.46 -4.97
N TRP A 153 -22.67 -22.18 -4.34
CA TRP A 153 -22.74 -21.22 -3.27
C TRP A 153 -23.35 -21.89 -2.07
N GLN A 154 -22.67 -21.77 -0.93
CA GLN A 154 -23.20 -22.21 0.35
C GLN A 154 -23.86 -21.03 1.07
N ALA A 155 -25.08 -21.24 1.57
CA ALA A 155 -25.79 -20.22 2.33
C ALA A 155 -25.24 -20.20 3.74
N LEU A 156 -24.71 -19.07 4.17
CA LEU A 156 -24.25 -19.06 5.55
C LEU A 156 -25.31 -18.55 6.52
N VAL A 157 -26.22 -17.71 6.02
CA VAL A 157 -27.35 -17.12 6.74
C VAL A 157 -28.42 -17.01 5.68
N GLN A 158 -29.56 -17.69 5.88
CA GLN A 158 -30.73 -17.43 5.04
C GLN A 158 -31.81 -16.61 5.69
N GLU A 159 -31.82 -16.51 7.01
CA GLU A 159 -32.80 -15.68 7.67
C GLU A 159 -32.50 -14.21 7.34
N ALA A 160 -33.31 -13.62 6.47
CA ALA A 160 -33.12 -12.24 6.03
C ALA A 160 -33.42 -11.29 7.16
N ILE A 161 -32.83 -10.09 7.11
CA ILE A 161 -33.06 -9.08 8.13
C ILE A 161 -33.65 -7.80 7.56
N GLY A 162 -34.07 -7.77 6.32
CA GLY A 162 -34.65 -6.53 5.82
C GLY A 162 -33.58 -5.60 5.26
N VAL A 163 -34.05 -4.52 4.62
CA VAL A 163 -33.12 -3.78 3.79
C VAL A 163 -32.15 -3.04 4.71
N MET A 164 -30.89 -3.04 4.33
CA MET A 164 -29.87 -2.45 5.19
C MET A 164 -29.66 -1.03 4.71
N ARG A 165 -29.47 -0.14 5.66
CA ARG A 165 -29.08 1.23 5.29
C ARG A 165 -27.60 1.31 4.91
N ASN A 166 -26.76 0.58 5.59
CA ASN A 166 -25.32 0.58 5.33
C ASN A 166 -24.82 -0.77 5.80
N LEU A 167 -23.70 -1.17 5.23
CA LEU A 167 -23.03 -2.45 5.48
C LEU A 167 -21.52 -2.22 5.38
N ASN A 168 -20.78 -2.63 6.41
CA ASN A 168 -19.29 -2.60 6.40
C ASN A 168 -18.75 -3.92 6.96
N ARG A 169 -17.53 -4.26 6.55
CA ARG A 169 -16.86 -5.54 6.85
C ARG A 169 -15.60 -5.26 7.65
N SER A 170 -15.29 -6.06 8.67
CA SER A 170 -14.04 -5.90 9.41
C SER A 170 -12.92 -6.71 8.76
N PRO A 171 -11.66 -6.47 9.14
CA PRO A 171 -10.56 -7.31 8.60
C PRO A 171 -10.69 -8.76 8.92
N SER A 172 -11.31 -9.12 10.03
CA SER A 172 -11.51 -10.52 10.30
C SER A 172 -12.82 -11.06 9.71
N GLY A 173 -13.44 -10.34 8.78
CA GLY A 173 -14.66 -10.89 8.17
C GLY A 173 -15.97 -10.76 8.97
N GLU A 174 -16.00 -9.94 10.02
CA GLU A 174 -17.25 -9.55 10.67
C GLU A 174 -17.97 -8.49 9.83
N TYR A 175 -19.29 -8.43 9.92
CA TYR A 175 -20.06 -7.44 9.18
C TYR A 175 -20.96 -6.68 10.15
N VAL A 176 -21.17 -5.39 9.87
CA VAL A 176 -22.10 -4.62 10.65
C VAL A 176 -23.03 -3.92 9.68
N ALA A 177 -24.34 -4.02 9.95
CA ALA A 177 -25.41 -3.62 9.04
C ALA A 177 -26.36 -2.72 9.83
N VAL A 178 -26.54 -1.50 9.32
CA VAL A 178 -27.48 -0.53 9.89
C VAL A 178 -28.87 -0.81 9.35
N SER A 179 -29.84 -0.94 10.25
CA SER A 179 -31.20 -1.28 9.81
C SER A 179 -31.84 -0.17 8.95
N SER A 180 -32.91 -0.54 8.23
CA SER A 180 -33.47 0.35 7.22
C SER A 180 -33.91 1.68 7.83
N GLU A 181 -34.44 1.69 9.03
CA GLU A 181 -34.89 2.95 9.63
C GLU A 181 -33.87 3.52 10.57
N GLY A 182 -32.69 2.92 10.68
CA GLY A 182 -31.73 3.48 11.60
C GLY A 182 -32.07 3.28 13.06
N SER A 183 -33.08 2.47 13.35
CA SER A 183 -33.48 2.15 14.70
C SER A 183 -32.54 1.15 15.37
N PHE A 184 -31.82 0.32 14.62
CA PHE A 184 -30.85 -0.58 15.25
C PHE A 184 -29.75 -1.00 14.25
N TYR A 185 -28.78 -1.74 14.75
CA TYR A 185 -27.79 -2.28 13.83
C TYR A 185 -27.63 -3.76 14.15
N SER A 186 -27.12 -4.48 13.20
CA SER A 186 -26.99 -5.92 13.35
C SER A 186 -25.57 -6.33 13.03
N THR A 187 -25.06 -7.39 13.69
CA THR A 187 -23.73 -7.87 13.37
C THR A 187 -23.79 -9.35 13.06
N TRP A 188 -22.80 -9.79 12.31
CA TRP A 188 -22.60 -11.17 11.96
C TRP A 188 -21.11 -11.50 11.91
N GLU A 189 -20.72 -12.71 12.31
CA GLU A 189 -19.31 -13.11 12.15
C GLU A 189 -19.25 -14.59 11.79
N PRO A 190 -18.21 -15.04 11.08
CA PRO A 190 -18.17 -16.45 10.63
C PRO A 190 -18.40 -17.36 11.80
N GLY A 191 -19.29 -18.31 11.60
CA GLY A 191 -19.67 -19.22 12.66
C GLY A 191 -21.10 -19.06 13.11
N GLN A 192 -21.59 -17.81 13.08
CA GLN A 192 -22.96 -17.48 13.47
C GLN A 192 -23.94 -17.89 12.37
N THR A 193 -25.14 -18.31 12.77
CA THR A 193 -26.13 -18.73 11.80
C THR A 193 -27.18 -17.67 11.53
N ALA A 194 -27.14 -16.55 12.25
CA ALA A 194 -28.08 -15.48 12.02
C ALA A 194 -27.40 -14.17 12.40
N TRP A 195 -27.91 -13.09 11.88
CA TRP A 195 -27.46 -11.77 12.36
C TRP A 195 -27.87 -11.55 13.82
N GLU A 196 -27.03 -10.86 14.54
CA GLU A 196 -27.27 -10.51 15.95
C GLU A 196 -27.79 -9.07 16.01
N PRO A 197 -29.04 -8.79 16.42
CA PRO A 197 -29.50 -7.39 16.49
C PRO A 197 -28.97 -6.68 17.73
N HIS A 198 -28.75 -5.38 17.61
CA HIS A 198 -28.22 -4.61 18.73
C HIS A 198 -29.15 -3.42 18.92
N ASN A 199 -29.95 -3.46 19.97
CA ASN A 199 -31.07 -2.56 20.15
C ASN A 199 -30.77 -1.54 21.22
N GLU A 200 -31.34 -0.35 21.07
CA GLU A 200 -31.30 0.66 22.13
C GLU A 200 -29.87 0.95 22.60
N THR A 201 -28.89 0.89 21.68
CA THR A 201 -27.56 1.37 22.02
C THR A 201 -27.55 2.88 22.09
N THR A 202 -28.31 3.51 21.22
CA THR A 202 -28.41 4.95 21.13
C THR A 202 -29.86 5.33 20.95
N SER A 203 -30.21 6.53 21.40
CA SER A 203 -31.55 7.03 21.19
C SER A 203 -31.68 7.74 19.85
N GLU A 204 -30.58 7.96 19.18
CA GLU A 204 -30.45 8.69 17.93
C GLU A 204 -30.62 7.76 16.73
N GLU A 205 -30.94 8.34 15.59
CA GLU A 205 -31.12 7.58 14.36
C GLU A 205 -29.76 7.22 13.77
N LEU A 206 -29.51 5.93 13.60
CA LEU A 206 -28.26 5.47 13.02
C LEU A 206 -28.19 5.76 11.53
N HIS A 207 -27.06 6.28 11.05
CA HIS A 207 -26.88 6.37 9.61
C HIS A 207 -25.87 5.38 9.01
N ASN A 208 -24.70 5.20 9.61
CA ASN A 208 -23.65 4.38 9.06
C ASN A 208 -22.81 3.90 10.22
N MET A 209 -22.18 2.74 10.02
CA MET A 209 -21.34 2.11 11.02
C MET A 209 -20.22 1.31 10.36
N GLY A 210 -19.13 1.14 11.08
CA GLY A 210 -18.03 0.35 10.56
C GLY A 210 -17.05 0.08 11.67
N PHE A 211 -15.86 -0.35 11.28
CA PHE A 211 -14.85 -0.83 12.20
C PHE A 211 -13.64 0.10 12.23
N THR A 212 -13.07 0.32 13.40
CA THR A 212 -11.82 1.05 13.47
C THR A 212 -10.65 0.08 13.26
N PRO A 213 -9.43 0.59 13.10
CA PRO A 213 -8.22 -0.26 12.99
C PRO A 213 -7.74 -0.87 14.30
N ASP A 214 -8.39 -0.62 15.42
CA ASP A 214 -8.09 -1.32 16.67
C ASP A 214 -9.26 -2.19 17.14
N GLY A 215 -10.16 -2.58 16.26
CA GLY A 215 -11.14 -3.54 16.75
C GLY A 215 -12.34 -2.95 17.45
N ARG A 216 -12.56 -1.64 17.36
CA ARG A 216 -13.77 -1.01 17.88
C ARG A 216 -14.75 -0.75 16.73
N LEU A 217 -15.97 -0.39 17.10
CA LEU A 217 -16.98 0.05 16.14
C LEU A 217 -17.08 1.58 16.21
N TRP A 218 -17.44 2.17 15.07
CA TRP A 218 -17.82 3.57 14.99
C TRP A 218 -19.22 3.70 14.40
N MET A 219 -19.90 4.77 14.76
CA MET A 219 -21.20 5.07 14.19
C MET A 219 -21.29 6.56 13.93
N ILE A 220 -21.99 6.84 12.85
CA ILE A 220 -22.50 8.15 12.49
C ILE A 220 -23.99 8.11 12.75
N VAL A 221 -24.47 9.06 13.52
CA VAL A 221 -25.91 9.17 13.72
C VAL A 221 -26.35 10.50 13.13
N ASN A 222 -27.64 10.59 12.85
CA ASN A 222 -28.10 11.79 12.18
C ASN A 222 -28.01 12.99 13.13
N GLY A 223 -27.71 14.14 12.54
CA GLY A 223 -27.44 15.34 13.28
C GLY A 223 -25.98 15.65 13.44
N GLY A 224 -25.12 15.03 12.64
CA GLY A 224 -23.69 15.29 12.69
C GLY A 224 -23.00 14.84 13.96
N LYS A 225 -23.38 13.71 14.51
CA LYS A 225 -22.69 13.22 15.69
C LYS A 225 -22.09 11.86 15.33
N ILE A 226 -21.04 11.46 16.03
CA ILE A 226 -20.34 10.18 15.85
C ILE A 226 -20.08 9.65 17.24
N ALA A 227 -19.82 8.34 17.33
CA ALA A 227 -19.40 7.73 18.59
C ALA A 227 -18.55 6.50 18.27
N PHE A 228 -17.75 6.08 19.24
CA PHE A 228 -16.88 4.93 19.11
C PHE A 228 -17.23 3.96 20.22
N SER A 229 -17.17 2.65 19.92
CA SER A 229 -17.57 1.72 20.94
C SER A 229 -16.48 1.62 22.01
N ASP A 230 -16.92 1.23 23.19
CA ASP A 230 -16.04 0.99 24.32
C ASP A 230 -15.12 -0.19 24.02
N PRO A 231 -13.80 -0.03 24.17
CA PRO A 231 -12.92 -1.19 23.95
C PRO A 231 -13.18 -2.33 24.95
N ASP A 232 -13.68 -2.04 26.15
CA ASP A 232 -13.99 -3.08 27.12
C ASP A 232 -15.24 -3.87 26.75
N ASN A 233 -16.14 -3.29 25.97
CA ASN A 233 -17.35 -4.00 25.60
C ASN A 233 -17.97 -3.32 24.38
N SER A 234 -17.89 -4.00 23.23
CA SER A 234 -18.37 -3.44 21.98
C SER A 234 -19.86 -3.18 21.98
N GLU A 235 -20.58 -3.64 23.03
CA GLU A 235 -22.00 -3.33 23.19
C GLU A 235 -22.22 -1.92 23.69
N ASN A 236 -21.22 -1.34 24.36
CA ASN A 236 -21.31 -0.04 24.99
C ASN A 236 -20.66 1.01 24.09
N TRP A 237 -21.22 2.21 24.13
CA TRP A 237 -20.81 3.28 23.24
C TRP A 237 -20.34 4.44 24.09
N GLY A 238 -19.34 5.17 23.58
CA GLY A 238 -18.86 6.34 24.27
C GLY A 238 -19.80 7.49 24.04
N GLU A 239 -19.40 8.66 24.53
CA GLU A 239 -20.19 9.88 24.35
C GLU A 239 -20.39 10.22 22.88
N LEU A 240 -21.60 10.71 22.55
CA LEU A 240 -21.80 11.26 21.22
C LEU A 240 -20.98 12.53 21.06
N LEU A 241 -20.13 12.56 20.04
CA LEU A 241 -19.21 13.66 19.76
C LEU A 241 -19.78 14.45 18.60
N SER A 242 -19.62 15.78 18.62
CA SER A 242 -20.05 16.61 17.48
C SER A 242 -18.81 17.20 16.83
N PRO A 243 -18.27 16.61 15.76
CA PRO A 243 -17.02 17.14 15.21
C PRO A 243 -17.09 18.61 14.86
N LEU A 244 -18.22 19.11 14.37
CA LEU A 244 -18.38 20.51 13.99
C LEU A 244 -18.99 21.36 15.10
N ARG A 245 -19.53 20.74 16.15
CA ARG A 245 -20.15 21.44 17.27
C ARG A 245 -21.41 22.18 16.85
N ARG A 246 -21.82 22.01 15.60
CA ARG A 246 -23.11 22.50 15.13
C ARG A 246 -23.89 21.32 14.57
N ASN A 247 -25.18 21.32 14.81
CA ASN A 247 -26.01 20.19 14.45
C ASN A 247 -26.38 20.19 12.99
N SER A 248 -25.92 21.17 12.23
CA SER A 248 -26.56 21.48 10.96
C SER A 248 -26.11 20.60 9.80
N VAL A 249 -24.98 19.92 9.93
CA VAL A 249 -24.37 19.24 8.81
C VAL A 249 -24.22 17.77 9.19
N GLY A 250 -24.78 16.90 8.38
CA GLY A 250 -24.74 15.48 8.62
C GLY A 250 -23.59 14.78 7.91
N PHE A 251 -23.17 13.66 8.48
CA PHE A 251 -22.04 12.94 7.92
C PHE A 251 -22.48 11.68 7.18
N LEU A 252 -21.69 11.27 6.23
CA LEU A 252 -22.05 10.12 5.39
C LEU A 252 -21.08 8.94 5.55
N ASP A 253 -19.80 9.18 5.77
CA ASP A 253 -18.84 8.09 5.85
C ASP A 253 -17.64 8.55 6.65
N LEU A 254 -16.96 7.58 7.25
CA LEU A 254 -15.81 7.78 8.10
C LEU A 254 -14.80 6.72 7.69
N ALA A 255 -13.52 7.07 7.55
CA ALA A 255 -12.54 6.05 7.18
C ALA A 255 -11.16 6.48 7.67
N TYR A 256 -10.37 5.49 8.05
CA TYR A 256 -9.05 5.77 8.55
C TYR A 256 -8.03 5.64 7.43
N ARG A 257 -7.14 6.63 7.35
CA ARG A 257 -5.97 6.57 6.49
C ARG A 257 -4.85 5.87 7.24
N THR A 258 -4.70 6.13 8.53
CA THR A 258 -3.72 5.51 9.43
C THR A 258 -4.45 5.22 10.74
N PRO A 259 -3.83 4.53 11.70
CA PRO A 259 -4.48 4.34 13.01
C PRO A 259 -4.92 5.60 13.68
N ASN A 260 -4.28 6.73 13.39
CA ASN A 260 -4.61 7.97 14.07
C ASN A 260 -5.29 9.03 13.22
N GLU A 261 -5.22 8.95 11.90
CA GLU A 261 -5.83 9.95 11.04
C GLU A 261 -7.15 9.42 10.47
N VAL A 262 -8.23 10.13 10.78
CA VAL A 262 -9.58 9.74 10.42
C VAL A 262 -10.15 10.82 9.53
N TRP A 263 -10.82 10.43 8.46
CA TRP A 263 -11.51 11.38 7.59
C TRP A 263 -13.00 11.14 7.70
N LEU A 264 -13.77 12.23 7.71
CA LEU A 264 -15.23 12.17 7.86
C LEU A 264 -15.82 13.03 6.76
N ALA A 265 -16.66 12.43 5.92
CA ALA A 265 -17.30 13.11 4.79
C ALA A 265 -18.77 13.29 5.08
N GLY A 266 -19.30 14.43 4.66
CA GLY A 266 -20.70 14.74 4.85
C GLY A 266 -21.34 15.64 3.79
N GLY A 267 -22.52 16.15 4.12
CA GLY A 267 -23.27 16.98 3.21
C GLY A 267 -22.65 18.36 3.03
N ALA A 268 -22.95 18.96 1.89
CA ALA A 268 -22.59 20.35 1.63
C ALA A 268 -21.06 20.56 1.62
N GLY A 269 -20.33 19.60 1.00
CA GLY A 269 -18.89 19.71 0.89
C GLY A 269 -18.12 19.66 2.19
N ALA A 270 -18.72 19.13 3.26
CA ALA A 270 -18.03 18.95 4.52
C ALA A 270 -17.06 17.76 4.45
N LEU A 271 -15.79 18.03 4.79
CA LEU A 271 -14.79 16.97 4.79
C LEU A 271 -13.84 17.30 5.92
N LEU A 272 -13.86 16.51 6.97
CA LEU A 272 -13.15 16.82 8.21
C LEU A 272 -12.07 15.78 8.41
N CYS A 273 -11.01 16.19 9.06
CA CYS A 273 -9.87 15.33 9.31
C CYS A 273 -9.52 15.39 10.78
N SER A 274 -9.27 14.27 11.40
CA SER A 274 -8.78 14.24 12.76
C SER A 274 -7.44 13.51 12.78
N GLN A 275 -6.48 14.05 13.49
CA GLN A 275 -5.14 13.46 13.59
C GLN A 275 -4.89 12.79 14.92
N ASP A 276 -5.92 12.64 15.75
CA ASP A 276 -5.81 11.98 17.04
C ASP A 276 -6.94 10.96 17.21
N GLY A 277 -7.26 10.25 16.15
CA GLY A 277 -8.22 9.18 16.26
C GLY A 277 -9.67 9.58 16.42
N GLY A 278 -10.03 10.84 16.17
CA GLY A 278 -11.44 11.22 16.17
C GLY A 278 -11.89 12.10 17.31
N GLN A 279 -10.96 12.54 18.16
CA GLN A 279 -11.31 13.44 19.26
C GLN A 279 -11.40 14.88 18.77
N THR A 280 -10.37 15.35 18.07
CA THR A 280 -10.31 16.72 17.60
C THR A 280 -10.26 16.74 16.08
N TRP A 281 -10.90 17.73 15.49
CA TRP A 281 -11.24 17.73 14.07
C TRP A 281 -10.83 19.04 13.43
N GLN A 282 -10.33 18.98 12.21
CA GLN A 282 -10.09 20.18 11.43
C GLN A 282 -10.84 20.03 10.12
N GLN A 283 -11.19 21.16 9.51
CA GLN A 283 -12.03 21.14 8.30
C GLN A 283 -11.21 21.40 7.04
N ASP A 284 -11.45 20.62 6.00
CA ASP A 284 -10.84 20.80 4.69
C ASP A 284 -11.73 21.73 3.88
N VAL A 285 -11.41 23.02 3.96
CA VAL A 285 -12.20 24.04 3.29
C VAL A 285 -11.93 24.09 1.81
N ASP A 286 -10.79 23.60 1.35
CA ASP A 286 -10.50 23.73 -0.06
C ASP A 286 -11.46 22.93 -0.93
N VAL A 287 -12.13 21.91 -0.36
CA VAL A 287 -13.04 21.05 -1.10
C VAL A 287 -14.50 21.45 -0.94
N LYS A 288 -14.78 22.55 -0.21
CA LYS A 288 -16.16 23.04 -0.20
C LYS A 288 -16.62 23.44 -1.59
N LYS A 289 -15.67 23.83 -2.48
CA LYS A 289 -16.01 24.24 -3.84
C LYS A 289 -16.50 23.09 -4.71
N VAL A 290 -16.01 21.87 -4.48
CA VAL A 290 -16.26 20.74 -5.36
C VAL A 290 -17.75 20.38 -5.33
N PRO A 291 -18.40 20.37 -6.50
CA PRO A 291 -19.87 20.18 -6.64
C PRO A 291 -20.36 18.73 -6.57
N SER A 292 -20.31 18.13 -5.39
CA SER A 292 -20.70 16.74 -5.24
C SER A 292 -20.93 16.44 -3.77
N ASN A 293 -21.92 15.61 -3.47
CA ASN A 293 -21.89 15.01 -2.15
C ASN A 293 -20.76 14.00 -2.12
N PHE A 294 -20.11 13.90 -0.96
CA PHE A 294 -19.01 12.99 -0.74
C PHE A 294 -19.65 11.82 -0.01
N TYR A 295 -20.01 10.76 -0.72
CA TYR A 295 -20.74 9.72 -0.03
C TYR A 295 -19.84 8.60 0.50
N LYS A 296 -18.60 8.43 0.01
CA LYS A 296 -17.83 7.28 0.44
C LYS A 296 -16.34 7.57 0.38
N ILE A 297 -15.64 7.19 1.43
CA ILE A 297 -14.18 7.32 1.51
C ILE A 297 -13.56 5.94 1.47
N LEU A 298 -12.54 5.74 0.63
CA LEU A 298 -11.83 4.46 0.59
C LEU A 298 -10.33 4.74 0.66
N PHE A 299 -9.64 4.25 1.68
CA PHE A 299 -8.17 4.25 1.65
C PHE A 299 -7.67 2.83 1.36
N PHE A 300 -6.73 2.71 0.42
CA PHE A 300 -6.15 1.42 0.08
C PHE A 300 -4.78 1.24 0.70
N SER A 301 -4.13 2.34 1.02
CA SER A 301 -2.89 2.39 1.78
C SER A 301 -2.77 3.80 2.33
N PRO A 302 -1.77 4.07 3.19
CA PRO A 302 -1.61 5.43 3.70
C PRO A 302 -1.35 6.48 2.63
N ASP A 303 -0.95 6.11 1.41
CA ASP A 303 -0.78 7.09 0.34
C ASP A 303 -1.72 6.93 -0.82
N GLN A 304 -2.77 6.13 -0.68
CA GLN A 304 -3.68 5.91 -1.79
C GLN A 304 -5.10 5.88 -1.24
N GLY A 305 -5.91 6.81 -1.70
CA GLY A 305 -7.27 6.95 -1.18
C GLY A 305 -8.08 7.76 -2.16
N PHE A 306 -9.41 7.56 -2.09
CA PHE A 306 -10.37 8.19 -2.98
C PHE A 306 -11.61 8.54 -2.20
N ILE A 307 -12.29 9.61 -2.65
CA ILE A 307 -13.61 9.97 -2.14
C ILE A 307 -14.55 9.89 -3.32
N LEU A 308 -15.60 9.07 -3.19
CA LEU A 308 -16.47 8.78 -4.32
C LEU A 308 -17.57 9.81 -4.31
N GLY A 309 -17.89 10.34 -5.48
CA GLY A 309 -18.94 11.34 -5.60
C GLY A 309 -19.91 11.09 -6.73
N GLN A 310 -20.70 12.11 -7.04
CA GLN A 310 -21.67 12.16 -8.12
C GLN A 310 -21.10 12.91 -9.30
N LYS A 311 -21.78 12.79 -10.44
CA LYS A 311 -21.45 13.54 -11.64
C LYS A 311 -20.07 13.17 -12.16
N GLY A 312 -19.63 11.94 -11.88
CA GLY A 312 -18.33 11.51 -12.32
C GLY A 312 -17.16 12.20 -11.65
N ILE A 313 -17.37 12.89 -10.52
CA ILE A 313 -16.25 13.53 -9.83
C ILE A 313 -15.72 12.60 -8.76
N LEU A 314 -14.39 12.54 -8.66
CA LEU A 314 -13.71 11.64 -7.79
C LEU A 314 -12.61 12.45 -7.11
N LEU A 315 -12.50 12.36 -5.79
CA LEU A 315 -11.34 12.95 -5.15
C LEU A 315 -10.24 11.89 -4.96
N ARG A 316 -9.00 12.27 -5.26
CA ARG A 316 -7.83 11.41 -5.08
C ARG A 316 -6.85 11.99 -4.06
N TYR A 317 -6.32 11.12 -3.24
CA TYR A 317 -5.50 11.54 -2.14
C TYR A 317 -4.08 11.74 -2.64
N VAL A 318 -3.52 12.89 -2.31
CA VAL A 318 -2.17 13.25 -2.76
C VAL A 318 -1.35 13.52 -1.51
N THR A 319 -0.38 12.65 -1.24
CA THR A 319 0.48 12.78 -0.07
C THR A 319 1.18 14.13 -0.04
N ASP A 320 1.31 14.70 1.16
CA ASP A 320 1.98 15.99 1.34
C ASP A 320 3.47 15.87 1.07
N LEU A 321 3.97 16.64 0.08
CA LEU A 321 5.37 16.67 -0.32
C LEU A 321 6.29 17.31 0.70
N THR A 322 5.77 17.93 1.75
CA THR A 322 6.60 18.45 2.82
C THR A 322 6.50 17.65 4.12
N ALA A 323 5.54 16.74 4.24
CA ALA A 323 5.51 15.85 5.39
C ALA A 323 6.54 14.73 5.21
N ALA A 324 7.27 14.41 6.28
CA ALA A 324 8.39 13.50 6.09
C ALA A 324 7.97 12.03 6.19
N PRO A 325 7.28 11.59 7.26
CA PRO A 325 6.81 10.20 7.15
C PRO A 325 5.36 10.09 6.67
N SER B 17 8.96 -45.00 -14.59
CA SER B 17 9.02 -43.55 -14.40
C SER B 17 8.15 -42.83 -15.44
N ILE B 18 7.57 -41.72 -15.01
CA ILE B 18 6.61 -40.93 -15.79
C ILE B 18 7.27 -40.12 -16.90
N PRO B 19 6.50 -39.65 -17.91
CA PRO B 19 7.10 -38.76 -18.91
C PRO B 19 7.67 -37.51 -18.26
N ALA B 20 8.72 -36.98 -18.88
CA ALA B 20 9.33 -35.75 -18.41
C ALA B 20 8.54 -34.56 -18.91
N LEU B 21 8.59 -33.48 -18.12
CA LEU B 21 7.91 -32.24 -18.46
C LEU B 21 8.58 -31.56 -19.64
N ASP B 22 7.80 -30.86 -20.45
CA ASP B 22 8.38 -30.25 -21.66
C ASP B 22 9.27 -29.03 -21.35
N TYR B 23 8.83 -28.13 -20.48
CA TYR B 23 9.62 -26.95 -20.12
C TYR B 23 9.82 -26.90 -18.60
N ASN B 24 11.02 -26.49 -18.17
CA ASN B 24 11.30 -26.25 -16.76
C ASN B 24 11.16 -24.78 -16.43
N PRO B 25 10.14 -24.34 -15.68
CA PRO B 25 10.05 -22.93 -15.34
C PRO B 25 10.85 -22.55 -14.10
N TRP B 26 11.57 -23.48 -13.47
CA TRP B 26 12.13 -23.21 -12.15
C TRP B 26 13.63 -22.95 -12.28
N GLU B 27 14.08 -21.80 -11.79
CA GLU B 27 15.51 -21.50 -11.71
C GLU B 27 15.95 -21.62 -10.26
N ALA B 28 17.10 -22.25 -10.05
CA ALA B 28 17.64 -22.42 -8.70
C ALA B 28 18.45 -21.23 -8.23
N ILE B 29 18.28 -20.87 -6.97
CA ILE B 29 18.99 -19.76 -6.37
C ILE B 29 19.67 -20.25 -5.10
N GLN B 30 20.95 -19.89 -4.93
CA GLN B 30 21.59 -20.01 -3.64
C GLN B 30 21.48 -18.64 -2.96
N LEU B 31 20.71 -18.57 -1.87
CA LEU B 31 20.59 -17.39 -1.04
C LEU B 31 21.90 -17.17 -0.29
N PRO B 32 22.19 -15.95 0.17
CA PRO B 32 23.38 -15.72 0.99
C PRO B 32 23.27 -16.23 2.44
N THR B 33 23.02 -17.52 2.60
CA THR B 33 22.92 -18.13 3.92
C THR B 33 23.09 -19.63 3.74
N THR B 34 23.31 -20.35 4.83
CA THR B 34 23.09 -21.77 4.71
C THR B 34 21.96 -22.23 5.62
N ALA B 35 21.25 -21.29 6.27
CA ALA B 35 20.06 -21.66 7.03
C ALA B 35 18.95 -22.14 6.11
N THR B 36 18.17 -23.09 6.59
CA THR B 36 17.00 -23.55 5.87
C THR B 36 15.87 -22.54 6.01
N ILE B 37 15.25 -22.23 4.87
CA ILE B 37 14.16 -21.25 4.77
C ILE B 37 12.84 -21.97 4.99
N LEU B 38 11.96 -21.35 5.80
CA LEU B 38 10.68 -21.99 6.22
C LEU B 38 9.44 -21.30 5.70
N ASP B 39 9.50 -19.98 5.43
CA ASP B 39 8.27 -19.36 4.99
C ASP B 39 8.64 -18.08 4.28
N MET B 40 7.67 -17.55 3.57
CA MET B 40 7.89 -16.41 2.72
C MET B 40 6.56 -15.70 2.54
N SER B 41 6.58 -14.36 2.40
CA SER B 41 5.32 -13.64 2.19
C SER B 41 5.63 -12.32 1.49
N PHE B 42 4.80 -11.93 0.52
CA PHE B 42 5.04 -10.71 -0.23
C PHE B 42 4.08 -9.59 0.18
N ILE B 43 4.63 -8.37 0.28
CA ILE B 43 3.85 -7.15 0.46
C ILE B 43 3.15 -6.79 -0.82
N ASP B 44 3.89 -6.85 -1.93
CA ASP B 44 3.35 -6.66 -3.26
C ASP B 44 4.14 -7.56 -4.22
N ARG B 45 3.95 -7.32 -5.52
CA ARG B 45 4.56 -8.12 -6.57
C ARG B 45 6.07 -8.25 -6.37
N HIS B 46 6.70 -7.15 -5.95
CA HIS B 46 8.14 -7.02 -5.95
C HIS B 46 8.78 -7.08 -4.59
N HIS B 47 8.06 -6.76 -3.52
CA HIS B 47 8.58 -6.56 -2.19
C HIS B 47 8.12 -7.69 -1.28
N GLY B 48 9.08 -8.48 -0.78
CA GLY B 48 8.75 -9.65 0.02
C GLY B 48 9.84 -9.96 1.02
N TRP B 49 9.48 -10.87 1.93
CA TRP B 49 10.34 -11.30 3.03
C TRP B 49 10.33 -12.83 3.08
N LEU B 50 11.43 -13.44 3.52
CA LEU B 50 11.47 -14.87 3.83
C LEU B 50 12.12 -14.99 5.20
N VAL B 51 11.81 -16.09 5.89
CA VAL B 51 12.32 -16.33 7.24
C VAL B 51 12.71 -17.79 7.36
N GLY B 52 13.50 -18.09 8.39
CA GLY B 52 14.00 -19.44 8.57
C GLY B 52 14.68 -19.71 9.88
N VAL B 53 15.44 -20.79 9.86
CA VAL B 53 16.16 -21.25 11.03
C VAL B 53 17.26 -20.24 11.39
N ASN B 54 17.60 -20.18 12.66
CA ASN B 54 18.67 -19.34 13.16
C ASN B 54 18.34 -17.89 12.94
N ALA B 55 17.06 -17.55 13.17
CA ALA B 55 16.58 -16.18 13.06
C ALA B 55 16.88 -15.55 11.72
N THR B 56 16.87 -16.34 10.66
CA THR B 56 17.16 -15.80 9.34
C THR B 56 16.01 -14.98 8.78
N LEU B 57 16.36 -13.83 8.23
CA LEU B 57 15.36 -12.90 7.73
C LEU B 57 15.96 -12.24 6.50
N MET B 58 15.26 -12.33 5.38
CA MET B 58 15.78 -11.75 4.15
C MET B 58 14.66 -11.01 3.43
N GLU B 59 15.05 -9.95 2.72
CA GLU B 59 14.12 -9.08 2.05
C GLU B 59 14.44 -9.10 0.57
N THR B 60 13.41 -9.06 -0.26
CA THR B 60 13.62 -8.81 -1.66
C THR B 60 12.81 -7.58 -2.08
N ARG B 61 13.34 -6.89 -3.06
CA ARG B 61 12.68 -5.77 -3.71
C ARG B 61 12.46 -6.02 -5.17
N ASP B 62 12.91 -7.14 -5.70
CA ASP B 62 12.78 -7.35 -7.13
C ASP B 62 11.98 -8.63 -7.42
N GLY B 63 10.92 -8.88 -6.65
CA GLY B 63 10.09 -10.01 -6.92
C GLY B 63 10.72 -11.34 -6.57
N GLY B 64 11.82 -11.34 -5.83
CA GLY B 64 12.43 -12.56 -5.39
C GLY B 64 13.63 -13.02 -6.19
N GLN B 65 14.10 -12.21 -7.14
CA GLN B 65 15.34 -12.61 -7.83
C GLN B 65 16.55 -12.46 -6.92
N THR B 66 16.61 -11.42 -6.10
CA THR B 66 17.76 -11.22 -5.24
C THR B 66 17.25 -10.93 -3.82
N TRP B 67 17.98 -11.42 -2.84
CA TRP B 67 17.57 -11.35 -1.45
C TRP B 67 18.71 -10.79 -0.63
N GLU B 68 18.39 -9.90 0.27
CA GLU B 68 19.38 -9.28 1.14
C GLU B 68 19.14 -9.73 2.58
N PRO B 69 20.17 -10.23 3.27
CA PRO B 69 20.01 -10.55 4.68
C PRO B 69 19.64 -9.28 5.47
N ARG B 70 18.85 -9.45 6.51
CA ARG B 70 18.48 -8.38 7.41
C ARG B 70 18.74 -8.87 8.82
N THR B 71 19.31 -8.00 9.64
CA THR B 71 19.73 -8.36 10.99
C THR B 71 18.76 -7.79 12.00
N LEU B 72 18.31 -8.63 12.93
CA LEU B 72 17.47 -8.21 14.04
C LEU B 72 18.29 -8.23 15.33
N VAL B 73 17.86 -7.41 16.29
CA VAL B 73 18.48 -7.36 17.60
C VAL B 73 17.64 -8.21 18.53
N LEU B 74 18.04 -9.46 18.73
CA LEU B 74 17.32 -10.38 19.59
C LEU B 74 18.25 -10.81 20.72
N ASP B 75 17.69 -11.38 21.79
CA ASP B 75 18.54 -11.86 22.88
C ASP B 75 19.41 -13.03 22.44
N HIS B 76 18.96 -13.84 21.49
CA HIS B 76 19.80 -14.88 20.91
C HIS B 76 19.37 -15.10 19.47
N SER B 77 20.10 -15.95 18.74
CA SER B 77 19.78 -16.17 17.33
C SER B 77 19.40 -17.62 17.04
N ASP B 78 18.98 -18.37 18.05
CA ASP B 78 18.57 -19.76 17.87
C ASP B 78 17.08 -19.88 17.54
N TYR B 79 16.38 -18.75 17.37
CA TYR B 79 14.96 -18.78 17.05
C TYR B 79 14.75 -19.41 15.68
N ARG B 80 13.77 -20.26 15.58
CA ARG B 80 13.35 -20.82 14.32
C ARG B 80 12.10 -20.06 13.89
N PHE B 81 12.25 -19.17 12.91
CA PHE B 81 11.13 -18.38 12.39
C PHE B 81 10.33 -19.27 11.45
N ASN B 82 9.16 -19.71 11.93
CA ASN B 82 8.31 -20.66 11.25
C ASN B 82 7.40 -20.02 10.23
N SER B 83 7.04 -18.74 10.39
CA SER B 83 5.90 -18.19 9.66
C SER B 83 6.07 -16.66 9.54
N VAL B 84 5.82 -16.15 8.35
CA VAL B 84 5.79 -14.72 8.12
C VAL B 84 4.55 -14.43 7.27
N SER B 85 3.88 -13.31 7.53
CA SER B 85 2.67 -13.04 6.78
C SER B 85 2.52 -11.52 6.68
N PHE B 86 2.32 -11.01 5.49
CA PHE B 86 2.01 -9.60 5.32
C PHE B 86 0.62 -9.42 4.74
N GLN B 87 0.04 -8.24 5.01
CA GLN B 87 -1.14 -7.74 4.32
C GLN B 87 -0.87 -6.23 4.12
N GLY B 88 -0.51 -5.85 2.89
CA GLY B 88 0.08 -4.52 2.72
C GLY B 88 1.38 -4.46 3.50
N ASN B 89 1.65 -3.30 4.06
CA ASN B 89 2.85 -3.06 4.86
C ASN B 89 2.77 -3.61 6.27
N GLU B 90 1.65 -4.19 6.71
CA GLU B 90 1.63 -4.74 8.06
C GLU B 90 2.08 -6.20 7.97
N GLY B 91 3.08 -6.58 8.78
CA GLY B 91 3.65 -7.92 8.68
C GLY B 91 3.93 -8.47 10.06
N TRP B 92 4.09 -9.80 10.11
CA TRP B 92 4.16 -10.57 11.34
C TRP B 92 5.07 -11.76 11.10
N ILE B 93 5.83 -12.13 12.11
CA ILE B 93 6.73 -13.28 12.07
C ILE B 93 6.51 -13.96 13.41
N VAL B 94 6.46 -15.30 13.43
CA VAL B 94 6.40 -16.00 14.70
C VAL B 94 7.43 -17.10 14.63
N GLY B 95 7.90 -17.53 15.80
CA GLY B 95 8.86 -18.60 15.81
C GLY B 95 8.88 -19.26 17.16
N GLU B 96 9.75 -20.31 17.24
CA GLU B 96 10.03 -21.03 18.46
C GLU B 96 11.54 -21.03 18.74
N PRO B 97 11.96 -20.90 20.02
CA PRO B 97 11.10 -20.71 21.19
C PRO B 97 10.27 -19.40 21.07
N PRO B 98 9.12 -19.31 21.76
CA PRO B 98 8.08 -18.30 21.42
C PRO B 98 8.60 -16.89 21.16
N ILE B 99 8.33 -16.38 19.97
CA ILE B 99 8.71 -15.02 19.62
C ILE B 99 7.70 -14.52 18.59
N MET B 100 7.43 -13.23 18.64
CA MET B 100 6.54 -12.66 17.65
C MET B 100 7.02 -11.26 17.35
N LEU B 101 7.19 -10.97 16.07
CA LEU B 101 7.65 -9.70 15.56
C LEU B 101 6.56 -9.10 14.68
N HIS B 102 6.45 -7.78 14.68
CA HIS B 102 5.43 -7.06 13.96
C HIS B 102 6.03 -5.86 13.29
N THR B 103 5.53 -5.57 12.10
CA THR B 103 5.95 -4.37 11.39
C THR B 103 4.71 -3.70 10.83
N THR B 104 4.73 -2.37 10.78
CA THR B 104 3.68 -1.68 10.04
C THR B 104 4.23 -0.89 8.87
N ASP B 105 5.53 -0.98 8.57
CA ASP B 105 6.12 -0.21 7.49
C ASP B 105 6.84 -1.11 6.50
N GLY B 106 6.27 -2.29 6.21
CA GLY B 106 6.87 -3.18 5.26
C GLY B 106 8.22 -3.76 5.68
N GLY B 107 8.46 -3.87 6.97
CA GLY B 107 9.66 -4.48 7.46
C GLY B 107 10.83 -3.54 7.65
N GLN B 108 10.63 -2.23 7.38
CA GLN B 108 11.68 -1.26 7.67
C GLN B 108 12.06 -1.33 9.14
N SER B 109 11.07 -1.49 10.00
CA SER B 109 11.31 -1.75 11.41
C SER B 109 10.38 -2.85 11.90
N TRP B 110 10.87 -3.59 12.87
CA TRP B 110 10.20 -4.72 13.49
C TRP B 110 10.23 -4.50 15.00
N SER B 111 9.11 -4.71 15.65
CA SER B 111 8.98 -4.66 17.10
C SER B 111 8.60 -6.04 17.59
N GLN B 112 9.10 -6.40 18.74
CA GLN B 112 8.70 -7.66 19.35
C GLN B 112 7.45 -7.44 20.17
N ILE B 113 6.49 -8.35 20.03
CA ILE B 113 5.26 -8.35 20.80
C ILE B 113 5.43 -9.40 21.90
N PRO B 114 5.37 -9.02 23.16
CA PRO B 114 5.53 -10.02 24.23
C PRO B 114 4.36 -11.00 24.22
N LEU B 115 4.71 -12.27 24.37
CA LEU B 115 3.73 -13.34 24.42
C LEU B 115 3.51 -13.78 25.85
N ASP B 116 2.28 -14.18 26.17
CA ASP B 116 2.03 -14.76 27.47
C ASP B 116 2.94 -15.97 27.69
N PRO B 117 3.70 -16.02 28.77
CA PRO B 117 4.45 -17.24 29.06
C PRO B 117 3.58 -18.46 29.31
N LYS B 118 2.34 -18.28 29.74
CA LYS B 118 1.39 -19.38 29.88
C LYS B 118 0.87 -19.85 28.53
N LEU B 119 1.34 -19.26 27.44
CA LEU B 119 0.93 -19.64 26.11
C LEU B 119 1.22 -21.12 25.89
N PRO B 120 0.23 -21.94 25.55
CA PRO B 120 0.49 -23.37 25.36
C PRO B 120 1.31 -23.63 24.10
N GLY B 121 2.56 -24.03 24.27
CA GLY B 121 3.42 -24.20 23.12
C GLY B 121 3.93 -22.88 22.58
N SER B 122 4.48 -22.99 21.42
CA SER B 122 5.03 -21.82 20.75
C SER B 122 4.27 -21.56 19.45
N PRO B 123 4.26 -20.31 18.99
CA PRO B 123 3.50 -20.01 17.77
C PRO B 123 4.14 -20.66 16.56
N ARG B 124 3.31 -21.32 15.76
CA ARG B 124 3.70 -22.00 14.54
C ARG B 124 3.25 -21.27 13.29
N LEU B 125 2.14 -20.54 13.33
CA LEU B 125 1.61 -19.98 12.11
C LEU B 125 0.96 -18.65 12.48
N ILE B 126 1.11 -17.64 11.62
CA ILE B 126 0.47 -16.35 11.78
C ILE B 126 0.00 -15.89 10.39
N LYS B 127 -1.19 -15.36 10.37
CA LYS B 127 -1.83 -14.89 9.16
C LYS B 127 -2.19 -13.42 9.43
N ALA B 128 -1.63 -12.51 8.66
CA ALA B 128 -1.98 -11.08 8.73
C ALA B 128 -3.30 -10.88 8.06
N LEU B 129 -4.21 -10.19 8.73
CA LEU B 129 -5.54 -9.91 8.16
C LEU B 129 -5.65 -8.45 7.77
N GLY B 130 -4.61 -7.67 8.03
CA GLY B 130 -4.60 -6.26 7.73
C GLY B 130 -5.21 -5.42 8.83
N ASN B 131 -4.83 -4.14 8.85
CA ASN B 131 -5.50 -3.13 9.71
C ASN B 131 -5.55 -3.52 11.18
N GLY B 132 -4.43 -4.03 11.69
CA GLY B 132 -4.34 -4.44 13.08
C GLY B 132 -4.90 -5.82 13.41
N SER B 133 -5.48 -6.53 12.47
CA SER B 133 -5.94 -7.85 12.82
C SER B 133 -4.96 -8.94 12.34
N ALA B 134 -4.89 -10.02 13.13
CA ALA B 134 -4.11 -11.19 12.77
C ALA B 134 -4.67 -12.40 13.52
N GLU B 135 -4.41 -13.59 12.97
CA GLU B 135 -4.72 -14.90 13.54
C GLU B 135 -3.44 -15.66 13.77
N MET B 136 -3.34 -16.31 14.92
CA MET B 136 -2.13 -17.06 15.25
C MET B 136 -2.54 -18.44 15.79
N ILE B 137 -1.79 -19.48 15.38
CA ILE B 137 -2.00 -20.86 15.84
C ILE B 137 -0.70 -21.39 16.44
N THR B 138 -0.77 -21.96 17.63
CA THR B 138 0.42 -22.51 18.27
C THR B 138 0.70 -23.95 17.77
N ASN B 139 1.85 -24.49 18.16
CA ASN B 139 2.19 -25.84 17.65
C ASN B 139 1.38 -26.96 18.28
N VAL B 140 0.58 -26.67 19.31
CA VAL B 140 -0.36 -27.65 19.86
C VAL B 140 -1.79 -27.32 19.48
N GLY B 141 -1.99 -26.33 18.61
CA GLY B 141 -3.27 -26.10 18.02
C GLY B 141 -4.17 -25.09 18.71
N ALA B 142 -3.67 -24.40 19.73
CA ALA B 142 -4.42 -23.27 20.27
C ALA B 142 -4.50 -22.17 19.22
N ILE B 143 -5.66 -21.54 19.09
CA ILE B 143 -5.90 -20.56 18.05
C ILE B 143 -6.24 -19.22 18.69
N TYR B 144 -5.52 -18.17 18.28
CA TYR B 144 -5.78 -16.84 18.80
C TYR B 144 -5.96 -15.79 17.70
N ARG B 145 -6.70 -14.77 18.05
CA ARG B 145 -6.93 -13.67 17.12
C ARG B 145 -6.69 -12.36 17.86
N THR B 146 -6.07 -11.41 17.19
CA THR B 146 -5.99 -10.05 17.70
C THR B 146 -6.67 -9.11 16.71
N LYS B 147 -7.25 -8.03 17.22
CA LYS B 147 -7.78 -6.99 16.37
C LYS B 147 -7.14 -5.62 16.63
N ASP B 148 -6.15 -5.55 17.53
CA ASP B 148 -5.52 -4.31 17.96
C ASP B 148 -3.97 -4.43 17.92
N SER B 149 -3.45 -4.94 16.80
CA SER B 149 -2.01 -4.99 16.54
C SER B 149 -1.26 -5.79 17.61
N GLY B 150 -1.90 -6.81 18.18
CA GLY B 150 -1.24 -7.75 19.07
C GLY B 150 -1.25 -7.33 20.52
N LYS B 151 -1.87 -6.20 20.85
CA LYS B 151 -1.92 -5.78 22.23
C LYS B 151 -2.74 -6.75 23.07
N ASN B 152 -3.80 -7.32 22.48
CA ASN B 152 -4.72 -8.24 23.12
C ASN B 152 -5.05 -9.38 22.16
N TRP B 153 -5.16 -10.58 22.70
CA TRP B 153 -5.37 -11.80 21.93
C TRP B 153 -6.62 -12.47 22.49
N GLN B 154 -7.57 -12.78 21.61
CA GLN B 154 -8.74 -13.57 22.01
C GLN B 154 -8.49 -15.04 21.69
N ALA B 155 -8.72 -15.93 22.68
CA ALA B 155 -8.61 -17.36 22.44
C ALA B 155 -9.85 -17.87 21.74
N LEU B 156 -9.69 -18.41 20.54
CA LEU B 156 -10.78 -19.04 19.81
C LEU B 156 -10.86 -20.53 20.08
N VAL B 157 -9.73 -21.13 20.39
CA VAL B 157 -9.64 -22.54 20.70
C VAL B 157 -8.59 -22.66 21.77
N GLN B 158 -9.00 -23.18 22.93
CA GLN B 158 -8.08 -23.44 24.02
C GLN B 158 -7.69 -24.91 24.11
N GLU B 159 -8.58 -25.80 23.72
CA GLU B 159 -8.38 -27.25 23.83
C GLU B 159 -7.36 -27.74 22.81
N ALA B 160 -6.15 -28.05 23.27
CA ALA B 160 -5.06 -28.44 22.38
C ALA B 160 -5.29 -29.82 21.75
N ILE B 161 -4.68 -30.00 20.58
CA ILE B 161 -4.69 -31.24 19.84
C ILE B 161 -3.29 -31.85 19.74
N GLY B 162 -2.32 -31.27 20.44
CA GLY B 162 -1.00 -31.87 20.43
C GLY B 162 -0.16 -31.41 19.26
N VAL B 163 1.09 -31.86 19.26
CA VAL B 163 2.02 -31.32 18.28
C VAL B 163 1.58 -31.78 16.89
N MET B 164 1.68 -30.86 15.94
CA MET B 164 1.18 -31.07 14.61
C MET B 164 2.33 -31.33 13.67
N ARG B 165 2.14 -32.24 12.76
CA ARG B 165 3.12 -32.49 11.73
C ARG B 165 3.08 -31.40 10.64
N ASN B 166 1.90 -30.89 10.32
CA ASN B 166 1.72 -29.89 9.30
C ASN B 166 0.44 -29.14 9.56
N LEU B 167 0.39 -27.91 9.06
CA LEU B 167 -0.76 -27.01 9.27
C LEU B 167 -0.96 -26.19 8.01
N ASN B 168 -2.18 -26.18 7.48
CA ASN B 168 -2.50 -25.35 6.31
C ASN B 168 -3.82 -24.60 6.49
N ARG B 169 -3.91 -23.42 5.82
CA ARG B 169 -5.05 -22.54 5.93
C ARG B 169 -5.73 -22.44 4.58
N SER B 170 -7.08 -22.42 4.55
CA SER B 170 -7.84 -22.17 3.32
C SER B 170 -8.07 -20.66 3.15
N PRO B 171 -8.47 -20.23 1.94
CA PRO B 171 -8.84 -18.81 1.72
C PRO B 171 -9.96 -18.27 2.60
N SER B 172 -10.86 -19.12 3.04
CA SER B 172 -11.95 -18.69 3.91
C SER B 172 -11.64 -18.86 5.40
N GLY B 173 -10.37 -19.02 5.75
CA GLY B 173 -9.97 -19.10 7.14
C GLY B 173 -10.16 -20.45 7.81
N GLU B 174 -10.39 -21.51 7.05
CA GLU B 174 -10.38 -22.84 7.64
C GLU B 174 -8.95 -23.36 7.75
N TYR B 175 -8.73 -24.30 8.70
CA TYR B 175 -7.43 -24.87 8.97
C TYR B 175 -7.50 -26.38 8.93
N VAL B 176 -6.42 -26.99 8.47
CA VAL B 176 -6.31 -28.46 8.51
C VAL B 176 -4.94 -28.79 9.10
N ALA B 177 -4.93 -29.67 10.08
CA ALA B 177 -3.73 -30.02 10.84
C ALA B 177 -3.50 -31.54 10.85
N VAL B 178 -2.32 -31.98 10.43
CA VAL B 178 -1.92 -33.40 10.51
C VAL B 178 -1.31 -33.68 11.89
N SER B 179 -1.80 -34.72 12.54
CA SER B 179 -1.34 -35.02 13.89
C SER B 179 0.13 -35.47 13.89
N SER B 180 0.73 -35.43 15.08
CA SER B 180 2.18 -35.51 15.22
C SER B 180 2.72 -36.81 14.66
N GLU B 181 1.94 -37.88 14.75
CA GLU B 181 2.37 -39.16 14.24
C GLU B 181 1.75 -39.49 12.90
N GLY B 182 1.00 -38.57 12.30
CA GLY B 182 0.38 -38.90 11.04
C GLY B 182 -0.75 -39.91 11.11
N SER B 183 -1.28 -40.20 12.30
CA SER B 183 -2.39 -41.15 12.40
C SER B 183 -3.75 -40.53 12.03
N PHE B 184 -3.92 -39.20 12.11
CA PHE B 184 -5.20 -38.60 11.79
C PHE B 184 -5.00 -37.12 11.47
N TYR B 185 -6.10 -36.46 11.13
CA TYR B 185 -5.97 -35.03 10.93
C TYR B 185 -7.17 -34.39 11.58
N SER B 186 -7.08 -33.06 11.75
CA SER B 186 -8.10 -32.29 12.41
C SER B 186 -8.40 -31.07 11.56
N THR B 187 -9.64 -30.61 11.60
CA THR B 187 -9.98 -29.37 10.90
C THR B 187 -10.67 -28.41 11.86
N TRP B 188 -10.56 -27.13 11.57
CA TRP B 188 -11.24 -26.12 12.37
C TRP B 188 -11.70 -25.07 11.40
N GLU B 189 -12.86 -24.50 11.68
CA GLU B 189 -13.36 -23.38 10.93
C GLU B 189 -13.98 -22.40 11.90
N PRO B 190 -14.01 -21.14 11.57
CA PRO B 190 -14.60 -20.15 12.48
C PRO B 190 -15.99 -20.57 12.94
N GLY B 191 -16.21 -20.46 14.25
CA GLY B 191 -17.46 -20.90 14.81
C GLY B 191 -17.24 -22.06 15.71
N GLN B 192 -16.29 -22.90 15.34
CA GLN B 192 -16.01 -24.07 16.12
C GLN B 192 -15.21 -23.69 17.34
N THR B 193 -15.53 -24.33 18.47
CA THR B 193 -14.84 -24.07 19.72
C THR B 193 -13.81 -25.12 19.99
N ALA B 194 -13.76 -26.13 19.12
CA ALA B 194 -12.78 -27.19 19.18
C ALA B 194 -12.46 -27.63 17.77
N TRP B 195 -11.30 -28.21 17.63
CA TRP B 195 -10.91 -28.90 16.41
C TRP B 195 -11.80 -30.11 16.18
N GLU B 196 -11.99 -30.44 14.90
CA GLU B 196 -12.81 -31.55 14.45
C GLU B 196 -11.90 -32.74 14.11
N PRO B 197 -11.95 -33.86 14.82
CA PRO B 197 -11.04 -34.97 14.52
C PRO B 197 -11.49 -35.76 13.29
N HIS B 198 -10.54 -36.20 12.48
CA HIS B 198 -10.89 -37.01 11.32
C HIS B 198 -9.98 -38.24 11.40
N ASN B 199 -10.53 -39.37 11.83
CA ASN B 199 -9.79 -40.58 12.15
C ASN B 199 -10.04 -41.63 11.09
N GLU B 200 -9.03 -42.50 10.91
CA GLU B 200 -9.18 -43.71 10.10
C GLU B 200 -9.57 -43.41 8.66
N THR B 201 -9.33 -42.20 8.20
CA THR B 201 -9.56 -41.88 6.81
C THR B 201 -8.60 -42.58 5.86
N THR B 202 -7.57 -43.22 6.39
CA THR B 202 -6.58 -43.86 5.55
C THR B 202 -5.72 -44.75 6.43
N SER B 203 -5.36 -45.91 5.90
CA SER B 203 -4.48 -46.79 6.64
C SER B 203 -3.03 -46.35 6.53
N GLU B 204 -2.73 -45.38 5.67
CA GLU B 204 -1.37 -44.97 5.42
C GLU B 204 -1.09 -43.73 6.27
N GLU B 205 0.18 -43.54 6.59
CA GLU B 205 0.56 -42.49 7.51
C GLU B 205 0.44 -41.14 6.79
N LEU B 206 -0.30 -40.20 7.40
CA LEU B 206 -0.46 -38.85 6.84
C LEU B 206 0.82 -38.03 7.03
N HIS B 207 1.28 -37.33 5.97
CA HIS B 207 2.42 -36.39 6.06
C HIS B 207 2.05 -34.91 5.94
N ASN B 208 1.22 -34.52 4.96
CA ASN B 208 0.77 -33.13 4.78
C ASN B 208 -0.62 -33.16 4.15
N MET B 209 -1.36 -32.06 4.38
CA MET B 209 -2.71 -31.81 3.89
C MET B 209 -2.91 -30.32 3.68
N GLY B 210 -3.79 -30.00 2.74
CA GLY B 210 -4.12 -28.64 2.39
C GLY B 210 -5.38 -28.60 1.55
N PHE B 211 -5.66 -27.41 0.98
CA PHE B 211 -6.90 -27.12 0.24
C PHE B 211 -6.61 -26.96 -1.25
N THR B 212 -7.56 -27.33 -2.09
CA THR B 212 -7.46 -27.08 -3.53
C THR B 212 -8.13 -25.75 -3.80
N PRO B 213 -8.00 -25.20 -5.02
CA PRO B 213 -8.68 -23.93 -5.34
C PRO B 213 -10.17 -24.10 -5.63
N ASP B 214 -10.69 -25.33 -5.56
CA ASP B 214 -12.12 -25.54 -5.73
C ASP B 214 -12.78 -26.09 -4.46
N GLY B 215 -12.15 -25.93 -3.31
CA GLY B 215 -12.77 -26.23 -2.05
C GLY B 215 -12.66 -27.66 -1.58
N ARG B 216 -11.81 -28.47 -2.20
CA ARG B 216 -11.54 -29.80 -1.71
C ARG B 216 -10.26 -29.76 -0.87
N LEU B 217 -10.01 -30.89 -0.22
CA LEU B 217 -8.79 -31.20 0.51
C LEU B 217 -7.95 -32.14 -0.32
N TRP B 218 -6.64 -31.99 -0.16
CA TRP B 218 -5.65 -32.94 -0.64
C TRP B 218 -4.83 -33.47 0.54
N MET B 219 -4.32 -34.69 0.38
CA MET B 219 -3.44 -35.27 1.39
C MET B 219 -2.25 -35.93 0.71
N ILE B 220 -1.09 -35.84 1.37
CA ILE B 220 0.10 -36.61 1.04
C ILE B 220 0.31 -37.64 2.13
N VAL B 221 0.45 -38.91 1.75
CA VAL B 221 0.64 -39.97 2.72
C VAL B 221 1.90 -40.80 2.43
N ASN B 222 2.23 -41.63 3.40
CA ASN B 222 3.45 -42.43 3.41
C ASN B 222 3.40 -43.37 2.20
N GLY B 223 4.55 -43.61 1.59
CA GLY B 223 4.58 -44.45 0.40
C GLY B 223 4.51 -43.69 -0.90
N GLY B 224 4.71 -42.37 -0.89
CA GLY B 224 4.61 -41.57 -2.10
C GLY B 224 3.23 -41.46 -2.75
N LYS B 225 2.16 -41.37 -1.97
CA LYS B 225 0.81 -41.33 -2.55
C LYS B 225 0.13 -40.02 -2.18
N ILE B 226 -0.92 -39.67 -2.96
CA ILE B 226 -1.75 -38.50 -2.70
C ILE B 226 -3.21 -38.92 -2.92
N ALA B 227 -4.12 -38.12 -2.38
CA ALA B 227 -5.56 -38.28 -2.54
C ALA B 227 -6.24 -36.92 -2.45
N PHE B 228 -7.46 -36.86 -2.98
CA PHE B 228 -8.25 -35.65 -2.95
C PHE B 228 -9.60 -36.02 -2.33
N SER B 229 -10.23 -35.08 -1.64
CA SER B 229 -11.51 -35.40 -1.04
C SER B 229 -12.62 -35.38 -2.10
N ASP B 230 -13.68 -36.10 -1.79
CA ASP B 230 -14.86 -36.10 -2.64
C ASP B 230 -15.39 -34.67 -2.73
N PRO B 231 -15.63 -34.13 -3.93
CA PRO B 231 -16.25 -32.79 -4.01
C PRO B 231 -17.65 -32.73 -3.40
N ASP B 232 -18.35 -33.86 -3.32
CA ASP B 232 -19.68 -33.88 -2.71
C ASP B 232 -19.66 -33.92 -1.19
N ASN B 233 -18.50 -34.23 -0.59
CA ASN B 233 -18.40 -34.42 0.86
C ASN B 233 -16.96 -34.55 1.31
N SER B 234 -16.38 -33.48 1.83
CA SER B 234 -14.96 -33.52 2.18
C SER B 234 -14.62 -34.57 3.23
N GLU B 235 -15.61 -35.24 3.80
CA GLU B 235 -15.37 -36.38 4.69
C GLU B 235 -14.89 -37.60 3.92
N ASN B 236 -15.25 -37.72 2.64
CA ASN B 236 -14.95 -38.88 1.85
C ASN B 236 -13.73 -38.60 0.98
N TRP B 237 -12.89 -39.61 0.80
CA TRP B 237 -11.63 -39.48 0.11
C TRP B 237 -11.64 -40.31 -1.15
N GLY B 238 -10.91 -39.82 -2.14
CA GLY B 238 -10.77 -40.55 -3.38
C GLY B 238 -9.76 -41.68 -3.19
N GLU B 239 -9.52 -42.40 -4.27
CA GLU B 239 -8.48 -43.43 -4.24
C GLU B 239 -7.11 -42.78 -4.04
N LEU B 240 -6.23 -43.49 -3.35
CA LEU B 240 -4.83 -43.09 -3.29
C LEU B 240 -4.18 -43.23 -4.66
N LEU B 241 -3.51 -42.18 -5.12
CA LEU B 241 -2.79 -42.15 -6.39
C LEU B 241 -1.30 -42.24 -6.14
N SER B 242 -0.57 -42.82 -7.10
CA SER B 242 0.90 -42.88 -7.07
C SER B 242 1.47 -42.10 -8.25
N PRO B 243 1.79 -40.82 -8.05
CA PRO B 243 2.22 -40.01 -9.19
C PRO B 243 3.45 -40.54 -9.90
N LEU B 244 4.42 -41.10 -9.18
CA LEU B 244 5.64 -41.64 -9.79
C LEU B 244 5.63 -43.15 -9.97
N ARG B 245 4.74 -43.85 -9.31
CA ARG B 245 4.72 -45.28 -9.32
C ARG B 245 6.06 -45.82 -8.79
N SER B 248 8.54 -44.66 -5.16
CA SER B 248 9.94 -44.74 -4.74
C SER B 248 10.46 -43.56 -3.87
N VAL B 249 9.76 -42.42 -3.88
CA VAL B 249 10.22 -41.17 -3.24
C VAL B 249 9.15 -40.66 -2.28
N GLY B 250 9.54 -39.91 -1.25
CA GLY B 250 8.57 -39.34 -0.34
C GLY B 250 8.21 -37.91 -0.77
N PHE B 251 6.95 -37.55 -0.65
CA PHE B 251 6.53 -36.20 -1.04
C PHE B 251 6.30 -35.36 0.19
N LEU B 252 6.40 -34.04 0.00
CA LEU B 252 6.38 -33.08 1.08
C LEU B 252 5.29 -32.00 0.98
N ASP B 253 4.97 -31.56 -0.22
CA ASP B 253 4.05 -30.44 -0.32
C ASP B 253 3.47 -30.52 -1.72
N LEU B 254 2.30 -29.93 -1.87
CA LEU B 254 1.52 -29.81 -3.10
C LEU B 254 0.97 -28.35 -3.14
N ALA B 255 0.97 -27.71 -4.32
CA ALA B 255 0.47 -26.35 -4.41
C ALA B 255 -0.01 -26.08 -5.83
N TYR B 256 -1.08 -25.31 -5.97
CA TYR B 256 -1.64 -25.02 -7.29
C TYR B 256 -1.13 -23.70 -7.83
N ARG B 257 -0.70 -23.70 -9.09
CA ARG B 257 -0.38 -22.42 -9.75
C ARG B 257 -1.62 -21.78 -10.36
N THR B 258 -2.49 -22.59 -10.93
CA THR B 258 -3.79 -22.19 -11.47
C THR B 258 -4.78 -23.28 -11.04
N PRO B 259 -6.09 -23.15 -11.27
CA PRO B 259 -6.99 -24.26 -10.92
C PRO B 259 -6.62 -25.61 -11.54
N ASN B 260 -5.95 -25.63 -12.70
CA ASN B 260 -5.66 -26.89 -13.35
C ASN B 260 -4.20 -27.32 -13.25
N GLU B 261 -3.27 -26.43 -12.94
CA GLU B 261 -1.88 -26.82 -12.87
C GLU B 261 -1.44 -27.00 -11.43
N VAL B 262 -1.00 -28.22 -11.09
CA VAL B 262 -0.59 -28.54 -9.73
C VAL B 262 0.88 -28.97 -9.77
N TRP B 263 1.65 -28.52 -8.78
CA TRP B 263 3.03 -28.91 -8.63
C TRP B 263 3.09 -29.73 -7.37
N LEU B 264 3.92 -30.80 -7.41
CA LEU B 264 4.06 -31.72 -6.29
C LEU B 264 5.55 -31.87 -5.97
N ALA B 265 5.93 -31.57 -4.74
CA ALA B 265 7.36 -31.51 -4.36
C ALA B 265 7.73 -32.59 -3.36
N GLY B 266 8.95 -33.14 -3.48
CA GLY B 266 9.34 -34.22 -2.59
C GLY B 266 10.83 -34.27 -2.25
N GLY B 267 11.29 -35.40 -1.73
CA GLY B 267 12.70 -35.49 -1.36
C GLY B 267 13.59 -35.58 -2.58
N ALA B 268 14.83 -35.10 -2.43
CA ALA B 268 15.90 -35.41 -3.38
C ALA B 268 15.60 -34.90 -4.80
N GLY B 269 15.26 -33.62 -4.90
CA GLY B 269 15.05 -33.04 -6.22
C GLY B 269 13.85 -33.55 -7.00
N ALA B 270 12.89 -34.18 -6.31
CA ALA B 270 11.66 -34.65 -6.95
C ALA B 270 10.63 -33.52 -7.06
N LEU B 271 10.15 -33.24 -8.29
CA LEU B 271 9.22 -32.17 -8.53
C LEU B 271 8.38 -32.54 -9.73
N LEU B 272 7.08 -32.71 -9.54
CA LEU B 272 6.16 -33.14 -10.58
C LEU B 272 5.13 -32.05 -10.83
N CYS B 273 4.60 -32.04 -12.05
CA CYS B 273 3.58 -31.10 -12.47
C CYS B 273 2.41 -31.88 -13.05
N SER B 274 1.20 -31.47 -12.70
CA SER B 274 -0.01 -31.97 -13.33
C SER B 274 -0.72 -30.80 -13.98
N GLN B 275 -1.17 -31.00 -15.22
CA GLN B 275 -1.90 -29.97 -15.95
C GLN B 275 -3.39 -30.27 -16.00
N ASP B 276 -3.88 -31.22 -15.20
CA ASP B 276 -5.27 -31.63 -15.17
C ASP B 276 -5.75 -31.81 -13.72
N GLY B 277 -5.38 -30.90 -12.83
CA GLY B 277 -5.92 -30.97 -11.49
C GLY B 277 -5.43 -32.11 -10.64
N GLY B 278 -4.37 -32.80 -11.05
CA GLY B 278 -3.79 -33.83 -10.22
C GLY B 278 -4.04 -35.23 -10.72
N GLN B 279 -4.60 -35.39 -11.93
CA GLN B 279 -4.94 -36.72 -12.41
C GLN B 279 -3.71 -37.42 -12.95
N THR B 280 -3.01 -36.77 -13.88
CA THR B 280 -1.81 -37.29 -14.50
C THR B 280 -0.65 -36.31 -14.26
N TRP B 281 0.55 -36.87 -14.18
CA TRP B 281 1.73 -36.19 -13.68
C TRP B 281 2.85 -36.29 -14.68
N GLN B 282 3.62 -35.22 -14.80
CA GLN B 282 4.88 -35.21 -15.52
C GLN B 282 5.98 -34.75 -14.59
N GLN B 283 7.21 -35.18 -14.86
CA GLN B 283 8.30 -34.93 -13.93
C GLN B 283 9.19 -33.81 -14.45
N ASP B 284 9.53 -32.86 -13.58
CA ASP B 284 10.51 -31.83 -13.94
C ASP B 284 11.88 -32.44 -13.72
N VAL B 285 12.44 -33.00 -14.81
CA VAL B 285 13.70 -33.71 -14.70
C VAL B 285 14.87 -32.76 -14.59
N ASP B 286 14.66 -31.51 -14.99
CA ASP B 286 15.76 -30.54 -15.02
C ASP B 286 16.23 -30.16 -13.62
N VAL B 287 15.41 -30.33 -12.58
CA VAL B 287 15.79 -30.01 -11.21
C VAL B 287 16.16 -31.24 -10.41
N LYS B 288 16.19 -32.42 -11.02
CA LYS B 288 16.63 -33.59 -10.27
C LYS B 288 18.03 -33.39 -9.73
N LYS B 289 18.81 -32.56 -10.44
CA LYS B 289 20.19 -32.24 -10.12
C LYS B 289 20.31 -31.51 -8.79
N VAL B 290 19.29 -30.75 -8.41
CA VAL B 290 19.42 -29.87 -7.26
C VAL B 290 19.60 -30.69 -5.99
N PRO B 291 20.66 -30.46 -5.23
CA PRO B 291 21.02 -31.29 -4.05
C PRO B 291 20.19 -30.92 -2.82
N SER B 292 18.89 -31.20 -2.89
CA SER B 292 18.05 -30.64 -1.84
C SER B 292 16.71 -31.35 -1.92
N ASN B 293 16.12 -31.60 -0.76
CA ASN B 293 14.69 -31.93 -0.70
C ASN B 293 13.89 -30.65 -0.95
N PHE B 294 12.66 -30.77 -1.53
CA PHE B 294 11.82 -29.60 -1.80
C PHE B 294 10.68 -29.65 -0.79
N TYR B 295 10.78 -28.85 0.28
CA TYR B 295 9.85 -29.04 1.38
C TYR B 295 8.57 -28.21 1.30
N LYS B 296 8.54 -27.19 0.48
CA LYS B 296 7.40 -26.28 0.52
C LYS B 296 7.30 -25.55 -0.82
N ILE B 297 6.09 -25.49 -1.36
CA ILE B 297 5.83 -24.79 -2.61
C ILE B 297 4.93 -23.64 -2.28
N LEU B 298 5.27 -22.43 -2.77
CA LEU B 298 4.43 -21.25 -2.55
C LEU B 298 4.14 -20.56 -3.88
N PHE B 299 2.86 -20.40 -4.23
CA PHE B 299 2.52 -19.51 -5.34
C PHE B 299 1.82 -18.25 -4.83
N PHE B 300 2.29 -17.11 -5.27
CA PHE B 300 1.63 -15.87 -4.88
C PHE B 300 0.71 -15.37 -5.96
N SER B 301 0.95 -15.76 -7.19
CA SER B 301 0.08 -15.51 -8.32
C SER B 301 0.44 -16.52 -9.38
N PRO B 302 -0.32 -16.58 -10.47
CA PRO B 302 0.07 -17.51 -11.56
C PRO B 302 1.48 -17.30 -12.14
N ASP B 303 2.15 -16.18 -11.91
CA ASP B 303 3.50 -16.03 -12.42
C ASP B 303 4.57 -15.85 -11.33
N GLN B 304 4.25 -16.04 -10.06
CA GLN B 304 5.23 -15.78 -9.02
C GLN B 304 5.14 -16.90 -8.03
N GLY B 305 6.22 -17.66 -7.88
CA GLY B 305 6.18 -18.84 -7.05
C GLY B 305 7.59 -19.24 -6.67
N PHE B 306 7.69 -19.93 -5.57
CA PHE B 306 8.97 -20.33 -5.00
C PHE B 306 8.80 -21.71 -4.42
N ILE B 307 9.89 -22.45 -4.41
CA ILE B 307 9.99 -23.73 -3.73
C ILE B 307 11.11 -23.62 -2.72
N LEU B 308 10.82 -23.95 -1.45
CA LEU B 308 11.82 -23.81 -0.40
C LEU B 308 12.64 -25.10 -0.33
N GLY B 309 13.99 -24.96 -0.30
CA GLY B 309 14.84 -26.10 -0.19
C GLY B 309 15.70 -26.02 1.07
N GLN B 310 16.84 -26.71 1.04
CA GLN B 310 17.68 -26.82 2.22
C GLN B 310 18.80 -25.85 2.09
N LYS B 311 19.37 -25.44 3.22
CA LYS B 311 20.69 -24.80 3.17
C LYS B 311 20.67 -23.55 2.31
N GLY B 312 19.58 -22.78 2.37
CA GLY B 312 19.51 -21.58 1.54
C GLY B 312 19.26 -21.80 0.06
N ILE B 313 18.85 -22.94 -0.34
CA ILE B 313 18.46 -23.19 -1.72
C ILE B 313 16.98 -22.79 -1.88
N LEU B 314 16.67 -22.17 -3.01
CA LEU B 314 15.35 -21.67 -3.37
C LEU B 314 15.17 -21.88 -4.87
N LEU B 315 14.05 -22.44 -5.31
CA LEU B 315 13.70 -22.40 -6.73
C LEU B 315 12.71 -21.25 -6.95
N ARG B 316 12.83 -20.52 -8.06
CA ARG B 316 11.94 -19.40 -8.36
C ARG B 316 11.25 -19.67 -9.66
N TYR B 317 9.94 -19.35 -9.75
CA TYR B 317 9.19 -19.64 -10.97
C TYR B 317 9.40 -18.54 -11.97
N VAL B 318 9.74 -18.92 -13.20
CA VAL B 318 10.04 -17.98 -14.27
C VAL B 318 9.10 -18.28 -15.42
N THR B 319 8.25 -17.30 -15.76
CA THR B 319 7.19 -17.50 -16.75
C THR B 319 7.75 -17.95 -18.09
N ASP B 320 7.01 -18.84 -18.76
CA ASP B 320 7.32 -19.32 -20.09
C ASP B 320 7.24 -18.18 -21.12
N SER C 17 22.66 9.23 20.95
CA SER C 17 22.32 10.37 20.08
C SER C 17 23.56 11.01 19.46
N ILE C 18 23.49 11.45 18.20
CA ILE C 18 24.69 11.95 17.50
C ILE C 18 25.09 13.27 18.11
N PRO C 19 26.36 13.66 18.01
CA PRO C 19 26.82 14.90 18.64
C PRO C 19 26.10 16.13 18.12
N ALA C 20 25.98 17.15 18.96
CA ALA C 20 25.37 18.40 18.52
C ALA C 20 26.39 19.24 17.77
N LEU C 21 25.91 19.98 16.77
CA LEU C 21 26.81 20.83 16.03
C LEU C 21 27.21 22.00 16.93
N ASP C 22 28.44 22.49 16.73
CA ASP C 22 29.03 23.49 17.64
C ASP C 22 28.37 24.87 17.48
N TYR C 23 28.09 25.28 16.25
CA TYR C 23 27.52 26.57 15.89
C TYR C 23 26.21 26.35 15.16
N ASN C 24 25.24 27.22 15.36
CA ASN C 24 24.05 27.21 14.51
C ASN C 24 24.13 28.36 13.51
N PRO C 25 24.34 28.09 12.22
CA PRO C 25 24.42 29.21 11.27
C PRO C 25 23.08 29.70 10.77
N TRP C 26 21.96 29.14 11.23
CA TRP C 26 20.66 29.36 10.61
C TRP C 26 19.75 30.28 11.41
N GLU C 27 19.20 31.29 10.74
CA GLU C 27 18.21 32.17 11.37
C GLU C 27 16.80 31.82 10.93
N ALA C 28 15.89 31.73 11.89
CA ALA C 28 14.50 31.51 11.54
C ALA C 28 13.87 32.85 11.15
N ILE C 29 13.10 32.81 10.09
CA ILE C 29 12.34 33.95 9.60
C ILE C 29 10.90 33.50 9.48
N GLN C 30 10.00 34.31 10.01
CA GLN C 30 8.57 34.16 9.76
C GLN C 30 8.23 35.07 8.58
N LEU C 31 7.83 34.47 7.47
CA LEU C 31 7.32 35.29 6.38
C LEU C 31 5.91 35.81 6.72
N PRO C 32 5.51 36.98 6.15
CA PRO C 32 4.15 37.50 6.42
C PRO C 32 3.06 36.70 5.73
N THR C 33 3.00 35.41 6.02
CA THR C 33 2.07 34.50 5.38
C THR C 33 2.10 33.19 6.17
N THR C 34 1.14 32.33 5.89
CA THR C 34 1.24 30.94 6.31
C THR C 34 1.28 30.00 5.12
N ALA C 35 1.36 30.52 3.90
CA ALA C 35 1.49 29.65 2.74
C ALA C 35 2.84 28.91 2.76
N THR C 36 2.80 27.68 2.25
CA THR C 36 3.99 26.88 2.10
C THR C 36 4.81 27.42 0.92
N ILE C 37 6.10 27.58 1.11
CA ILE C 37 6.97 28.11 0.07
C ILE C 37 7.54 26.94 -0.70
N LEU C 38 7.52 27.03 -2.02
CA LEU C 38 8.01 25.89 -2.78
C LEU C 38 9.33 26.16 -3.49
N ASP C 39 9.69 27.39 -3.83
CA ASP C 39 10.93 27.62 -4.59
C ASP C 39 11.38 29.06 -4.40
N MET C 40 12.63 29.32 -4.80
CA MET C 40 13.26 30.63 -4.60
C MET C 40 14.40 30.73 -5.62
N SER C 41 14.69 31.93 -6.06
CA SER C 41 15.73 32.17 -7.07
C SER C 41 16.15 33.61 -6.90
N PHE C 42 17.45 33.91 -7.04
CA PHE C 42 17.96 35.25 -6.92
C PHE C 42 18.48 35.75 -8.24
N ILE C 43 18.23 37.04 -8.49
CA ILE C 43 18.84 37.75 -9.60
C ILE C 43 20.29 38.06 -9.31
N ASP C 44 20.59 38.46 -8.08
CA ASP C 44 21.97 38.67 -7.67
C ASP C 44 22.02 38.45 -6.17
N ARG C 45 23.12 38.89 -5.55
CA ARG C 45 23.33 38.63 -4.13
C ARG C 45 22.15 39.10 -3.28
N HIS C 46 21.56 40.27 -3.60
CA HIS C 46 20.60 40.95 -2.74
C HIS C 46 19.15 40.84 -3.20
N HIS C 47 18.90 40.71 -4.50
CA HIS C 47 17.58 40.80 -5.11
C HIS C 47 17.09 39.42 -5.55
N GLY C 48 15.97 38.97 -4.95
CA GLY C 48 15.50 37.62 -5.21
C GLY C 48 14.01 37.45 -4.98
N TRP C 49 13.51 36.31 -5.41
CA TRP C 49 12.08 36.03 -5.37
C TRP C 49 11.80 34.64 -4.82
N LEU C 50 10.64 34.48 -4.17
CA LEU C 50 10.19 33.16 -3.78
C LEU C 50 8.72 32.98 -4.17
N VAL C 51 8.33 31.72 -4.37
CA VAL C 51 7.00 31.40 -4.83
C VAL C 51 6.49 30.22 -4.03
N GLY C 52 5.17 30.05 -4.02
CA GLY C 52 4.60 28.96 -3.23
C GLY C 52 3.14 28.76 -3.55
N VAL C 53 2.47 28.01 -2.66
CA VAL C 53 1.06 27.66 -2.86
C VAL C 53 0.18 28.91 -2.81
N ASN C 54 -0.99 28.83 -3.47
CA ASN C 54 -1.97 29.92 -3.49
C ASN C 54 -1.39 31.11 -4.23
N ALA C 55 -0.72 30.82 -5.34
CA ALA C 55 -0.11 31.89 -6.12
C ALA C 55 0.78 32.80 -5.25
N THR C 56 1.43 32.25 -4.22
CA THR C 56 2.25 33.07 -3.35
C THR C 56 3.53 33.51 -4.06
N LEU C 57 3.84 34.82 -3.92
CA LEU C 57 5.00 35.46 -4.55
C LEU C 57 5.50 36.56 -3.64
N MET C 58 6.80 36.51 -3.29
CA MET C 58 7.42 37.52 -2.44
C MET C 58 8.80 37.89 -2.99
N GLU C 59 9.18 39.14 -2.76
CA GLU C 59 10.42 39.72 -3.27
C GLU C 59 11.30 40.13 -2.10
N THR C 60 12.60 39.98 -2.25
CA THR C 60 13.55 40.50 -1.28
C THR C 60 14.51 41.45 -1.98
N ARG C 61 14.94 42.46 -1.26
CA ARG C 61 16.00 43.34 -1.75
C ARG C 61 17.24 43.29 -0.88
N ASP C 62 17.20 42.60 0.26
CA ASP C 62 18.34 42.61 1.17
C ASP C 62 18.90 41.21 1.37
N GLY C 63 19.00 40.43 0.30
CA GLY C 63 19.64 39.13 0.41
C GLY C 63 18.81 38.10 1.14
N GLY C 64 17.53 38.40 1.39
CA GLY C 64 16.61 37.46 1.99
C GLY C 64 16.42 37.62 3.48
N GLN C 65 17.02 38.66 4.07
CA GLN C 65 16.72 39.02 5.45
C GLN C 65 15.26 39.49 5.58
N THR C 66 14.72 40.11 4.54
CA THR C 66 13.35 40.62 4.55
C THR C 66 12.64 40.35 3.23
N TRP C 67 11.36 40.03 3.30
CA TRP C 67 10.57 39.61 2.15
C TRP C 67 9.27 40.40 2.07
N GLU C 68 8.92 40.82 0.84
CA GLU C 68 7.71 41.62 0.57
C GLU C 68 6.74 40.85 -0.31
N PRO C 69 5.47 40.70 0.10
CA PRO C 69 4.48 40.07 -0.78
C PRO C 69 4.21 40.89 -2.02
N ARG C 70 3.95 40.20 -3.12
CA ARG C 70 3.59 40.88 -4.36
C ARG C 70 2.35 40.21 -4.90
N THR C 71 1.40 40.99 -5.38
CA THR C 71 0.15 40.41 -5.83
C THR C 71 0.09 40.45 -7.35
N LEU C 72 -0.20 39.29 -7.93
CA LEU C 72 -0.39 39.16 -9.36
C LEU C 72 -1.87 39.15 -9.62
N VAL C 73 -2.22 39.60 -10.81
CA VAL C 73 -3.60 39.66 -11.24
C VAL C 73 -3.81 38.49 -12.20
N LEU C 74 -4.31 37.38 -11.67
CA LEU C 74 -4.58 36.19 -12.46
C LEU C 74 -6.06 35.92 -12.49
N ASP C 75 -6.44 34.96 -13.35
CA ASP C 75 -7.83 34.54 -13.44
C ASP C 75 -8.35 33.94 -12.12
N HIS C 76 -7.48 33.26 -11.36
CA HIS C 76 -7.77 32.83 -10.00
C HIS C 76 -6.44 32.73 -9.23
N SER C 77 -6.52 32.44 -7.91
CA SER C 77 -5.34 32.35 -7.05
C SER C 77 -5.16 30.94 -6.45
N ASP C 78 -5.70 29.91 -7.10
CA ASP C 78 -5.54 28.53 -6.66
C ASP C 78 -4.28 27.88 -7.23
N TYR C 79 -3.45 28.63 -7.92
CA TYR C 79 -2.24 28.08 -8.52
C TYR C 79 -1.20 27.74 -7.46
N ARG C 80 -0.58 26.59 -7.65
CA ARG C 80 0.58 26.15 -6.89
C ARG C 80 1.82 26.50 -7.74
N PHE C 81 2.53 27.59 -7.41
CA PHE C 81 3.78 27.97 -8.12
C PHE C 81 4.88 27.02 -7.71
N ASN C 82 5.26 26.11 -8.62
CA ASN C 82 6.17 25.01 -8.28
C ASN C 82 7.66 25.38 -8.39
N SER C 83 8.00 26.32 -9.27
CA SER C 83 9.38 26.58 -9.69
C SER C 83 9.50 28.03 -10.11
N VAL C 84 10.58 28.68 -9.72
CA VAL C 84 10.92 30.02 -10.19
C VAL C 84 12.42 30.03 -10.48
N SER C 85 12.83 30.68 -11.56
CA SER C 85 14.23 30.68 -11.95
C SER C 85 14.56 31.97 -12.64
N PHE C 86 15.62 32.64 -12.21
CA PHE C 86 16.09 33.82 -12.92
C PHE C 86 17.47 33.60 -13.51
N GLN C 87 17.74 34.32 -14.58
CA GLN C 87 19.07 34.49 -15.16
C GLN C 87 19.14 36.00 -15.34
N GLY C 88 19.79 36.70 -14.42
CA GLY C 88 19.72 38.15 -14.46
C GLY C 88 18.31 38.65 -14.25
N ASN C 89 17.93 39.67 -14.99
CA ASN C 89 16.59 40.25 -14.84
C ASN C 89 15.50 39.45 -15.53
N GLU C 90 15.84 38.37 -16.23
CA GLU C 90 14.86 37.54 -16.89
C GLU C 90 14.49 36.42 -15.94
N GLY C 91 13.20 36.26 -15.68
CA GLY C 91 12.76 35.29 -14.72
C GLY C 91 11.52 34.60 -15.27
N TRP C 92 11.27 33.40 -14.73
CA TRP C 92 10.23 32.46 -15.15
C TRP C 92 9.64 31.81 -13.91
N ILE C 93 8.32 31.57 -13.93
CA ILE C 93 7.61 30.83 -12.88
C ILE C 93 6.70 29.82 -13.55
N VAL C 94 6.65 28.60 -13.05
CA VAL C 94 5.65 27.68 -13.55
C VAL C 94 4.91 27.04 -12.39
N GLY C 95 3.65 26.69 -12.66
CA GLY C 95 2.85 26.04 -11.64
C GLY C 95 1.71 25.24 -12.24
N GLU C 96 0.95 24.65 -11.33
CA GLU C 96 -0.23 23.88 -11.68
C GLU C 96 -1.44 24.39 -10.91
N PRO C 97 -2.64 24.33 -11.50
CA PRO C 97 -2.92 23.86 -12.87
C PRO C 97 -2.15 24.70 -13.91
N PRO C 98 -1.84 24.13 -15.11
CA PRO C 98 -0.73 24.66 -15.93
C PRO C 98 -0.67 26.17 -16.05
N ILE C 99 0.45 26.77 -15.65
CA ILE C 99 0.61 28.22 -15.79
C ILE C 99 2.11 28.49 -15.87
N MET C 100 2.46 29.51 -16.65
CA MET C 100 3.83 30.00 -16.86
C MET C 100 3.81 31.52 -16.94
N LEU C 101 4.67 32.16 -16.16
CA LEU C 101 4.83 33.59 -16.09
C LEU C 101 6.27 33.96 -16.44
N HIS C 102 6.44 35.15 -17.05
CA HIS C 102 7.76 35.57 -17.51
C HIS C 102 7.97 37.06 -17.19
N THR C 103 9.20 37.42 -16.85
CA THR C 103 9.56 38.81 -16.61
C THR C 103 10.90 39.07 -17.29
N THR C 104 11.05 40.31 -17.76
CA THR C 104 12.31 40.80 -18.31
C THR C 104 12.87 41.96 -17.53
N ASP C 105 12.22 42.37 -16.44
CA ASP C 105 12.61 43.55 -15.67
C ASP C 105 12.78 43.20 -14.22
N GLY C 106 13.34 42.02 -13.96
CA GLY C 106 13.58 41.60 -12.61
C GLY C 106 12.32 41.34 -11.79
N GLY C 107 11.23 40.98 -12.43
CA GLY C 107 10.01 40.69 -11.69
C GLY C 107 9.11 41.89 -11.40
N GLN C 108 9.49 43.11 -11.84
CA GLN C 108 8.62 44.28 -11.67
C GLN C 108 7.26 44.07 -12.32
N SER C 109 7.23 43.49 -13.52
CA SER C 109 6.00 43.05 -14.15
C SER C 109 6.16 41.61 -14.66
N TRP C 110 5.04 40.90 -14.63
CA TRP C 110 4.97 39.49 -15.01
C TRP C 110 3.89 39.34 -16.07
N SER C 111 4.23 38.67 -17.17
CA SER C 111 3.31 38.39 -18.26
C SER C 111 2.99 36.90 -18.27
N GLN C 112 1.75 36.55 -18.52
CA GLN C 112 1.47 35.13 -18.58
C GLN C 112 1.75 34.63 -19.99
N ILE C 113 2.42 33.49 -20.09
CA ILE C 113 2.77 32.88 -21.38
C ILE C 113 1.75 31.78 -21.69
N PRO C 114 1.07 31.82 -22.84
CA PRO C 114 0.08 30.78 -23.14
C PRO C 114 0.75 29.43 -23.35
N LEU C 115 0.20 28.41 -22.71
CA LEU C 115 0.69 27.06 -22.86
C LEU C 115 -0.23 26.23 -23.75
N ASP C 116 0.36 25.30 -24.46
CA ASP C 116 -0.42 24.39 -25.27
C ASP C 116 -1.38 23.63 -24.35
N PRO C 117 -2.69 23.63 -24.62
CA PRO C 117 -3.60 22.76 -23.84
C PRO C 117 -3.35 21.27 -24.00
N LYS C 118 -2.69 20.86 -25.08
CA LYS C 118 -2.23 19.49 -25.26
C LYS C 118 -0.97 19.18 -24.46
N LEU C 119 -0.47 20.15 -23.70
CA LEU C 119 0.77 19.94 -22.95
C LEU C 119 0.56 18.75 -22.04
N PRO C 120 1.34 17.67 -22.19
CA PRO C 120 1.14 16.50 -21.33
C PRO C 120 1.53 16.82 -19.90
N GLY C 121 0.52 16.92 -19.04
CA GLY C 121 0.75 17.31 -17.67
C GLY C 121 0.96 18.81 -17.52
N SER C 122 1.38 19.16 -16.32
CA SER C 122 1.62 20.55 -15.99
C SER C 122 3.10 20.79 -15.68
N PRO C 123 3.59 22.01 -15.89
CA PRO C 123 5.01 22.29 -15.64
C PRO C 123 5.38 22.12 -14.18
N ARG C 124 6.48 21.43 -13.95
CA ARG C 124 7.00 21.18 -12.62
C ARG C 124 8.25 22.00 -12.34
N LEU C 125 9.07 22.23 -13.35
CA LEU C 125 10.37 22.84 -13.19
C LEU C 125 10.63 23.69 -14.40
N ILE C 126 11.21 24.86 -14.17
CA ILE C 126 11.68 25.72 -15.23
C ILE C 126 13.05 26.24 -14.83
N LYS C 127 13.94 26.35 -15.80
CA LYS C 127 15.29 26.83 -15.59
C LYS C 127 15.52 27.94 -16.60
N ALA C 128 15.79 29.15 -16.11
CA ALA C 128 16.13 30.28 -16.99
C ALA C 128 17.52 30.06 -17.54
N LEU C 129 17.65 30.16 -18.86
CA LEU C 129 18.92 30.03 -19.53
C LEU C 129 19.45 31.37 -20.03
N GLY C 130 18.70 32.45 -19.87
CA GLY C 130 19.12 33.76 -20.34
C GLY C 130 18.82 33.99 -21.80
N ASN C 131 18.78 35.25 -22.18
CA ASN C 131 18.61 35.61 -23.57
C ASN C 131 17.34 35.00 -24.17
N GLY C 132 16.25 35.04 -23.40
CA GLY C 132 15.01 34.48 -23.94
C GLY C 132 14.92 32.96 -23.95
N SER C 133 15.92 32.25 -23.41
CA SER C 133 15.92 30.79 -23.40
C SER C 133 15.51 30.23 -22.06
N ALA C 134 14.79 29.12 -22.11
CA ALA C 134 14.48 28.39 -20.89
C ALA C 134 14.20 26.93 -21.22
N GLU C 135 14.35 26.09 -20.20
CA GLU C 135 14.04 24.67 -20.25
C GLU C 135 12.93 24.44 -19.26
N MET C 136 11.97 23.60 -19.63
CA MET C 136 10.87 23.23 -18.74
C MET C 136 10.68 21.73 -18.80
N ILE C 137 10.38 21.18 -17.63
CA ILE C 137 10.03 19.79 -17.50
C ILE C 137 8.63 19.72 -16.91
N THR C 138 7.77 18.93 -17.54
CA THR C 138 6.41 18.72 -17.04
C THR C 138 6.42 17.63 -15.96
N ASN C 139 5.28 17.50 -15.29
CA ASN C 139 5.24 16.56 -14.21
C ASN C 139 5.15 15.11 -14.67
N VAL C 140 5.06 14.85 -15.97
CA VAL C 140 5.16 13.49 -16.50
C VAL C 140 6.47 13.24 -17.21
N GLY C 141 7.39 14.22 -17.19
CA GLY C 141 8.73 14.05 -17.66
C GLY C 141 9.02 14.49 -19.07
N ALA C 142 8.07 15.13 -19.75
CA ALA C 142 8.40 15.76 -21.02
C ALA C 142 9.28 16.99 -20.78
N ILE C 143 10.27 17.15 -21.65
CA ILE C 143 11.26 18.23 -21.52
C ILE C 143 11.13 19.10 -22.76
N TYR C 144 10.94 20.42 -22.54
CA TYR C 144 10.82 21.36 -23.65
C TYR C 144 11.81 22.50 -23.47
N ARG C 145 12.32 23.00 -24.58
CA ARG C 145 13.22 24.15 -24.55
C ARG C 145 12.65 25.21 -25.48
N THR C 146 12.74 26.46 -25.03
CA THR C 146 12.43 27.60 -25.88
C THR C 146 13.66 28.48 -26.06
N LYS C 147 13.75 29.10 -27.23
CA LYS C 147 14.78 30.09 -27.51
C LYS C 147 14.19 31.46 -27.78
N ASP C 148 12.85 31.60 -27.76
CA ASP C 148 12.19 32.84 -28.16
C ASP C 148 11.17 33.27 -27.12
N SER C 149 11.63 33.37 -25.88
CA SER C 149 10.86 33.94 -24.75
C SER C 149 9.53 33.23 -24.54
N GLY C 150 9.49 31.94 -24.83
CA GLY C 150 8.32 31.14 -24.51
C GLY C 150 7.24 31.10 -25.57
N LYS C 151 7.43 31.78 -26.69
CA LYS C 151 6.44 31.79 -27.75
C LYS C 151 6.29 30.41 -28.37
N ASN C 152 7.40 29.68 -28.48
CA ASN C 152 7.42 28.36 -29.08
C ASN C 152 8.28 27.45 -28.22
N TRP C 153 7.86 26.19 -28.12
CA TRP C 153 8.51 25.20 -27.28
C TRP C 153 8.86 23.97 -28.10
N GLN C 154 10.14 23.63 -28.11
CA GLN C 154 10.65 22.41 -28.74
C GLN C 154 10.72 21.31 -27.70
N ALA C 155 10.13 20.16 -28.02
CA ALA C 155 10.21 18.97 -27.17
C ALA C 155 11.55 18.29 -27.38
N LEU C 156 12.31 18.15 -26.30
CA LEU C 156 13.58 17.44 -26.33
C LEU C 156 13.38 15.96 -26.03
N VAL C 157 12.26 15.64 -25.40
CA VAL C 157 11.80 14.29 -25.10
C VAL C 157 10.28 14.32 -25.27
N GLN C 158 9.76 13.49 -26.17
CA GLN C 158 8.31 13.33 -26.28
C GLN C 158 7.80 12.12 -25.54
N GLU C 159 8.64 11.09 -25.37
CA GLU C 159 8.29 9.88 -24.64
C GLU C 159 8.26 10.16 -23.15
N ALA C 160 7.05 10.34 -22.60
CA ALA C 160 6.89 10.71 -21.20
C ALA C 160 7.24 9.52 -20.32
N ILE C 161 7.66 9.81 -19.08
CA ILE C 161 8.00 8.73 -18.17
C ILE C 161 7.06 8.68 -16.96
N GLY C 162 5.99 9.49 -16.97
CA GLY C 162 5.02 9.44 -15.89
C GLY C 162 5.42 10.29 -14.70
N VAL C 163 4.55 10.28 -13.68
CA VAL C 163 4.73 11.16 -12.53
C VAL C 163 5.98 10.72 -11.74
N MET C 164 6.75 11.71 -11.31
CA MET C 164 8.06 11.50 -10.68
C MET C 164 8.01 11.74 -9.19
N ARG C 165 8.79 10.95 -8.44
CA ARG C 165 8.88 11.21 -7.00
C ARG C 165 9.73 12.45 -6.73
N ASN C 166 10.77 12.65 -7.52
CA ASN C 166 11.62 13.83 -7.33
C ASN C 166 12.33 14.13 -8.65
N LEU C 167 12.77 15.39 -8.77
CA LEU C 167 13.44 15.89 -9.95
C LEU C 167 14.48 16.91 -9.52
N ASN C 168 15.72 16.72 -9.94
CA ASN C 168 16.79 17.64 -9.64
C ASN C 168 17.68 17.83 -10.86
N ARG C 169 18.33 18.97 -10.89
CA ARG C 169 19.15 19.36 -12.02
C ARG C 169 20.60 19.44 -11.55
N SER C 170 21.54 18.99 -12.43
CA SER C 170 22.94 19.20 -12.06
C SER C 170 23.42 20.55 -12.58
N PRO C 171 24.53 21.04 -12.06
CA PRO C 171 25.07 22.31 -12.57
C PRO C 171 25.33 22.31 -14.06
N SER C 172 25.59 21.14 -14.64
CA SER C 172 25.82 21.01 -16.05
C SER C 172 24.54 20.76 -16.84
N GLY C 173 23.38 20.92 -16.19
CA GLY C 173 22.12 20.77 -16.90
C GLY C 173 21.66 19.36 -17.12
N GLU C 174 22.26 18.38 -16.45
CA GLU C 174 21.72 17.02 -16.42
C GLU C 174 20.58 16.96 -15.41
N TYR C 175 19.65 16.01 -15.62
CA TYR C 175 18.51 15.83 -14.72
C TYR C 175 18.41 14.40 -14.21
N VAL C 176 17.98 14.25 -12.96
CA VAL C 176 17.72 12.94 -12.37
C VAL C 176 16.31 12.97 -11.78
N ALA C 177 15.56 11.92 -12.09
CA ALA C 177 14.15 11.80 -11.74
C ALA C 177 13.99 10.47 -11.06
N VAL C 178 13.47 10.48 -9.84
CA VAL C 178 13.17 9.23 -9.17
C VAL C 178 11.82 8.75 -9.65
N SER C 179 11.73 7.46 -10.01
CA SER C 179 10.46 6.94 -10.51
C SER C 179 9.38 7.07 -9.44
N SER C 180 8.13 7.03 -9.88
CA SER C 180 7.03 7.33 -8.97
C SER C 180 7.01 6.36 -7.80
N GLU C 181 7.45 5.13 -8.00
CA GLU C 181 7.43 4.17 -6.92
C GLU C 181 8.79 3.95 -6.28
N GLY C 182 9.82 4.70 -6.70
CA GLY C 182 11.14 4.57 -6.12
C GLY C 182 11.88 3.30 -6.45
N SER C 183 11.39 2.52 -7.44
CA SER C 183 12.08 1.30 -7.83
C SER C 183 13.28 1.59 -8.73
N PHE C 184 13.31 2.72 -9.42
CA PHE C 184 14.47 3.07 -10.25
C PHE C 184 14.52 4.59 -10.41
N TYR C 185 15.55 5.04 -11.12
CA TYR C 185 15.70 6.43 -11.45
C TYR C 185 16.09 6.57 -12.92
N SER C 186 15.90 7.79 -13.43
CA SER C 186 16.17 8.10 -14.82
C SER C 186 16.98 9.38 -14.93
N THR C 187 17.85 9.41 -15.92
CA THR C 187 18.68 10.56 -16.16
C THR C 187 18.43 11.07 -17.57
N TRP C 188 18.68 12.35 -17.76
CA TRP C 188 18.57 12.97 -19.06
C TRP C 188 19.69 13.98 -19.18
N GLU C 189 20.26 14.08 -20.37
CA GLU C 189 21.34 15.02 -20.64
C GLU C 189 21.18 15.58 -22.06
N PRO C 190 21.66 16.80 -22.29
CA PRO C 190 21.54 17.40 -23.63
C PRO C 190 22.14 16.49 -24.69
N GLY C 191 21.36 16.22 -25.72
CA GLY C 191 21.76 15.28 -26.75
C GLY C 191 20.89 14.04 -26.77
N GLN C 192 20.47 13.53 -25.60
CA GLN C 192 19.63 12.33 -25.55
C GLN C 192 18.17 12.66 -25.86
N THR C 193 17.49 11.73 -26.55
CA THR C 193 16.11 11.91 -26.97
C THR C 193 15.10 11.24 -26.05
N ALA C 194 15.57 10.52 -25.04
CA ALA C 194 14.69 9.86 -24.08
C ALA C 194 15.37 9.81 -22.71
N TRP C 195 14.56 9.55 -21.68
CA TRP C 195 15.12 9.27 -20.37
C TRP C 195 15.89 7.95 -20.36
N GLU C 196 16.96 7.91 -19.55
CA GLU C 196 17.79 6.74 -19.36
C GLU C 196 17.40 6.07 -18.04
N PRO C 197 16.74 4.91 -18.04
CA PRO C 197 16.40 4.25 -16.77
C PRO C 197 17.63 3.55 -16.19
N HIS C 198 17.70 3.51 -14.85
CA HIS C 198 18.83 2.93 -14.12
C HIS C 198 18.30 2.00 -13.04
N ASN C 199 18.51 0.68 -13.23
CA ASN C 199 17.98 -0.39 -12.39
C ASN C 199 19.06 -1.13 -11.57
N GLU C 200 20.02 -0.40 -10.98
CA GLU C 200 20.97 -1.08 -10.09
C GLU C 200 20.57 -1.00 -8.62
N THR C 201 20.05 0.13 -8.17
CA THR C 201 19.55 0.29 -6.80
C THR C 201 18.20 -0.40 -6.62
N THR C 202 18.13 -1.65 -7.04
CA THR C 202 16.91 -2.42 -6.93
C THR C 202 16.75 -3.09 -5.56
N SER C 203 17.69 -2.91 -4.64
CA SER C 203 17.54 -3.39 -3.27
C SER C 203 16.95 -2.35 -2.31
N GLU C 204 16.81 -1.08 -2.71
CA GLU C 204 16.30 -0.05 -1.81
C GLU C 204 15.29 0.83 -2.52
N GLU C 205 14.37 1.40 -1.73
CA GLU C 205 13.33 2.29 -2.24
C GLU C 205 13.84 3.73 -2.26
N LEU C 206 13.95 4.30 -3.45
CA LEU C 206 14.40 5.68 -3.62
C LEU C 206 13.31 6.69 -3.25
N HIS C 207 13.71 7.75 -2.54
CA HIS C 207 12.80 8.87 -2.31
C HIS C 207 13.25 10.15 -3.01
N ASN C 208 14.55 10.48 -2.94
CA ASN C 208 15.06 11.67 -3.62
C ASN C 208 16.49 11.37 -4.06
N MET C 209 16.90 12.07 -5.10
CA MET C 209 18.24 11.95 -5.64
C MET C 209 18.66 13.31 -6.17
N GLY C 210 19.97 13.51 -6.28
CA GLY C 210 20.42 14.81 -6.70
C GLY C 210 21.88 14.65 -7.07
N PHE C 211 22.53 15.76 -7.30
CA PHE C 211 23.90 15.76 -7.76
C PHE C 211 24.78 16.37 -6.68
N THR C 212 26.00 15.89 -6.60
CA THR C 212 26.98 16.48 -5.71
C THR C 212 27.70 17.58 -6.47
N PRO C 213 28.55 18.35 -5.79
CA PRO C 213 29.31 19.36 -6.51
C PRO C 213 30.37 18.80 -7.44
N ASP C 214 30.64 17.49 -7.43
CA ASP C 214 31.60 16.93 -8.37
C ASP C 214 30.91 16.02 -9.37
N GLY C 215 29.60 16.18 -9.53
CA GLY C 215 28.90 15.49 -10.57
C GLY C 215 28.55 14.07 -10.22
N ARG C 216 28.72 13.66 -8.98
CA ARG C 216 28.28 12.32 -8.59
C ARG C 216 26.80 12.37 -8.24
N LEU C 217 26.21 11.22 -8.04
CA LEU C 217 24.83 11.19 -7.59
C LEU C 217 24.78 10.92 -6.10
N TRP C 218 23.81 11.54 -5.45
CA TRP C 218 23.44 11.16 -4.09
C TRP C 218 22.00 10.68 -4.13
N MET C 219 21.67 9.80 -3.19
CA MET C 219 20.32 9.31 -3.04
C MET C 219 19.94 9.33 -1.56
N ILE C 220 18.65 9.60 -1.33
CA ILE C 220 17.97 9.37 -0.07
C ILE C 220 17.07 8.16 -0.28
N VAL C 221 17.16 7.16 0.59
CA VAL C 221 16.25 6.02 0.50
C VAL C 221 15.47 5.90 1.80
N ASN C 222 14.38 5.14 1.73
CA ASN C 222 13.51 4.99 2.90
C ASN C 222 14.26 4.30 4.04
N GLY C 223 14.00 4.74 5.26
CA GLY C 223 14.71 4.22 6.41
C GLY C 223 15.87 5.06 6.93
N GLY C 224 15.95 6.34 6.54
CA GLY C 224 17.02 7.20 7.00
C GLY C 224 18.39 6.78 6.48
N LYS C 225 18.45 6.37 5.23
CA LYS C 225 19.72 5.99 4.65
C LYS C 225 20.02 6.88 3.45
N ILE C 226 21.30 7.02 3.16
CA ILE C 226 21.73 7.77 2.00
C ILE C 226 22.94 7.07 1.41
N ALA C 227 23.21 7.35 0.12
CA ALA C 227 24.39 6.79 -0.51
C ALA C 227 24.88 7.75 -1.59
N PHE C 228 26.17 7.61 -1.94
CA PHE C 228 26.82 8.41 -2.97
C PHE C 228 27.40 7.47 -4.03
N SER C 229 27.27 7.86 -5.31
CA SER C 229 27.75 6.99 -6.39
C SER C 229 29.23 7.24 -6.70
N ASP C 230 29.86 6.24 -7.34
CA ASP C 230 31.24 6.37 -7.82
C ASP C 230 31.36 7.48 -8.85
N PRO C 231 32.36 8.39 -8.73
CA PRO C 231 32.66 9.50 -9.64
C PRO C 231 33.10 9.07 -11.04
N SER C 234 29.76 5.84 -12.18
CA SER C 234 28.49 6.19 -12.79
C SER C 234 27.38 5.29 -12.25
N GLU C 235 27.40 4.04 -12.71
CA GLU C 235 26.51 3.01 -12.17
C GLU C 235 26.93 2.51 -10.80
N ASN C 236 28.13 2.83 -10.33
CA ASN C 236 28.63 2.24 -9.10
C ASN C 236 28.32 3.11 -7.89
N TRP C 237 27.95 2.44 -6.80
CA TRP C 237 27.48 3.07 -5.57
C TRP C 237 28.32 2.69 -4.38
N GLY C 238 28.37 3.59 -3.41
CA GLY C 238 28.95 3.31 -2.12
C GLY C 238 27.97 2.65 -1.17
N GLU C 239 28.50 2.38 0.03
CA GLU C 239 27.73 1.82 1.14
C GLU C 239 26.59 2.73 1.59
N LEU C 240 25.45 2.15 1.93
CA LEU C 240 24.39 2.92 2.57
C LEU C 240 24.77 3.35 3.99
N LEU C 241 24.64 4.65 4.25
CA LEU C 241 24.89 5.31 5.54
C LEU C 241 23.56 5.62 6.23
N SER C 242 23.55 5.58 7.56
CA SER C 242 22.40 5.97 8.39
C SER C 242 22.75 7.18 9.24
N PRO C 243 22.39 8.42 8.83
CA PRO C 243 22.84 9.62 9.58
C PRO C 243 22.37 9.73 11.02
N LEU C 244 21.12 9.43 11.31
CA LEU C 244 20.64 9.56 12.68
C LEU C 244 20.82 8.28 13.45
N ARG C 245 21.11 7.17 12.77
CA ARG C 245 21.39 5.96 13.50
C ARG C 245 20.19 5.51 14.32
N ARG C 246 18.99 5.94 13.92
CA ARG C 246 17.73 5.42 14.46
C ARG C 246 16.66 5.40 13.36
N GLY C 250 13.09 9.43 8.52
CA GLY C 250 13.24 9.80 7.11
C GLY C 250 13.56 11.26 6.76
N PHE C 251 14.41 11.41 5.74
CA PHE C 251 14.94 12.69 5.31
C PHE C 251 14.27 13.13 4.01
N LEU C 252 14.23 14.46 3.82
CA LEU C 252 13.52 15.11 2.72
C LEU C 252 14.44 15.72 1.68
N ASP C 253 15.59 16.26 2.09
CA ASP C 253 16.41 16.93 1.10
C ASP C 253 17.84 16.96 1.62
N LEU C 254 18.76 17.04 0.67
CA LEU C 254 20.19 17.09 0.90
C LEU C 254 20.73 18.18 -0.03
N ALA C 255 21.62 19.02 0.48
CA ALA C 255 22.16 20.08 -0.36
C ALA C 255 23.57 20.44 0.10
N TYR C 256 24.43 20.74 -0.84
CA TYR C 256 25.77 21.08 -0.45
C TYR C 256 25.93 22.58 -0.36
N ARG C 257 26.56 23.02 0.74
CA ARG C 257 27.01 24.39 0.82
C ARG C 257 28.38 24.55 0.18
N THR C 258 29.26 23.59 0.40
CA THR C 258 30.61 23.56 -0.16
C THR C 258 30.88 22.14 -0.65
N PRO C 259 32.00 21.87 -1.34
CA PRO C 259 32.25 20.47 -1.75
C PRO C 259 32.15 19.48 -0.61
N ASN C 260 32.54 19.87 0.61
CA ASN C 260 32.55 18.91 1.72
C ASN C 260 31.46 19.11 2.76
N GLU C 261 30.82 20.27 2.83
CA GLU C 261 29.79 20.48 3.84
C GLU C 261 28.42 20.24 3.21
N VAL C 262 27.70 19.24 3.72
CA VAL C 262 26.41 18.78 3.24
C VAL C 262 25.41 19.03 4.36
N TRP C 263 24.23 19.49 4.00
CA TRP C 263 23.14 19.63 4.95
C TRP C 263 22.02 18.68 4.52
N LEU C 264 21.36 18.12 5.53
CA LEU C 264 20.33 17.11 5.30
C LEU C 264 19.12 17.52 6.10
N ALA C 265 18.00 17.65 5.45
CA ALA C 265 16.83 18.16 6.12
C ALA C 265 15.75 17.06 6.21
N GLY C 266 15.07 17.02 7.34
CA GLY C 266 14.07 16.00 7.55
C GLY C 266 12.88 16.51 8.35
N GLY C 267 12.08 15.58 8.85
CA GLY C 267 10.88 15.96 9.58
C GLY C 267 11.15 16.45 10.98
N ALA C 268 10.24 17.29 11.47
CA ALA C 268 10.16 17.73 12.87
C ALA C 268 11.40 18.50 13.31
N GLY C 269 11.79 19.49 12.51
CA GLY C 269 12.94 20.28 12.89
C GLY C 269 14.25 19.52 12.88
N ALA C 270 14.33 18.41 12.16
CA ALA C 270 15.57 17.69 11.98
C ALA C 270 16.44 18.38 10.94
N LEU C 271 17.67 18.70 11.32
CA LEU C 271 18.61 19.33 10.41
C LEU C 271 19.99 18.85 10.81
N LEU C 272 20.64 18.12 9.92
CA LEU C 272 21.93 17.53 10.18
C LEU C 272 22.97 18.14 9.27
N CYS C 273 24.17 18.20 9.76
CA CYS C 273 25.24 18.75 8.95
C CYS C 273 26.39 17.76 8.90
N SER C 274 26.93 17.57 7.72
CA SER C 274 28.15 16.79 7.57
C SER C 274 29.25 17.67 7.01
N GLN C 275 30.43 17.62 7.62
CA GLN C 275 31.55 18.42 7.14
C GLN C 275 32.61 17.58 6.42
N ASP C 276 32.30 16.34 6.07
CA ASP C 276 33.28 15.43 5.44
C ASP C 276 32.67 14.76 4.22
N GLY C 277 31.99 15.54 3.40
CA GLY C 277 31.44 15.02 2.18
C GLY C 277 30.26 14.09 2.37
N GLY C 278 29.73 13.97 3.59
CA GLY C 278 28.55 13.18 3.86
C GLY C 278 28.75 11.88 4.65
N GLN C 279 29.96 11.60 5.15
CA GLN C 279 30.21 10.39 5.93
C GLN C 279 29.70 10.53 7.36
N THR C 280 30.09 11.60 8.05
CA THR C 280 29.68 11.69 9.45
C THR C 280 28.85 12.95 9.70
N TRP C 281 27.90 12.83 10.61
CA TRP C 281 26.81 13.79 10.73
C TRP C 281 26.66 14.31 12.15
N GLN C 282 26.43 15.61 12.23
CA GLN C 282 26.08 16.26 13.49
C GLN C 282 24.76 17.01 13.36
N GLN C 283 24.08 17.12 14.46
CA GLN C 283 22.72 17.64 14.48
C GLN C 283 22.75 19.10 14.90
N ASP C 284 22.03 19.93 14.15
CA ASP C 284 21.83 21.31 14.53
C ASP C 284 20.65 21.34 15.50
N VAL C 285 20.97 21.28 16.79
CA VAL C 285 19.94 21.15 17.81
C VAL C 285 19.21 22.46 18.03
N ASP C 286 19.81 23.58 17.67
CA ASP C 286 19.23 24.89 17.96
C ASP C 286 17.95 25.15 17.15
N VAL C 287 17.75 24.45 16.03
CA VAL C 287 16.59 24.72 15.18
C VAL C 287 15.43 23.76 15.41
N LYS C 288 15.58 22.73 16.24
CA LYS C 288 14.43 21.92 16.62
C LYS C 288 13.37 22.74 17.32
N LYS C 289 13.75 23.89 17.85
CA LYS C 289 12.76 24.74 18.52
C LYS C 289 11.67 25.14 17.55
N VAL C 290 12.01 25.29 16.27
CA VAL C 290 11.07 25.69 15.23
C VAL C 290 10.07 24.56 14.95
N PRO C 291 8.77 24.81 15.07
CA PRO C 291 7.75 23.75 14.90
C PRO C 291 7.42 23.50 13.43
N SER C 292 8.33 22.86 12.71
CA SER C 292 8.14 22.73 11.27
C SER C 292 9.01 21.62 10.71
N ASN C 293 8.49 20.91 9.72
CA ASN C 293 9.34 20.08 8.89
C ASN C 293 10.13 20.97 7.94
N PHE C 294 11.36 20.58 7.66
CA PHE C 294 12.21 21.30 6.72
C PHE C 294 12.30 20.44 5.47
N TYR C 295 11.63 20.86 4.41
CA TYR C 295 11.52 20.03 3.21
C TYR C 295 12.45 20.41 2.07
N LYS C 296 13.10 21.57 2.08
CA LYS C 296 13.94 21.89 0.93
C LYS C 296 15.09 22.78 1.34
N ILE C 297 16.29 22.47 0.84
CA ILE C 297 17.47 23.29 1.10
C ILE C 297 17.97 23.90 -0.21
N LEU C 298 18.22 25.20 -0.17
CA LEU C 298 18.70 25.95 -1.31
C LEU C 298 19.96 26.69 -0.90
N PHE C 299 21.08 26.36 -1.52
CA PHE C 299 22.23 27.24 -1.43
C PHE C 299 22.44 27.94 -2.75
N PHE C 300 22.62 29.26 -2.69
CA PHE C 300 22.94 30.05 -3.86
C PHE C 300 24.42 30.29 -3.99
N SER C 301 25.13 30.26 -2.87
CA SER C 301 26.58 30.29 -2.80
C SER C 301 26.94 29.77 -1.43
N PRO C 302 28.23 29.62 -1.13
CA PRO C 302 28.62 29.13 0.20
C PRO C 302 28.24 30.09 1.31
N ASP C 303 27.93 31.34 0.96
CA ASP C 303 27.60 32.37 1.94
C ASP C 303 26.12 32.71 1.95
N GLN C 304 25.33 32.08 1.10
CA GLN C 304 23.92 32.44 0.98
C GLN C 304 23.06 31.20 0.80
N GLY C 305 22.16 30.98 1.74
CA GLY C 305 21.38 29.76 1.69
C GLY C 305 20.13 29.89 2.53
N PHE C 306 19.14 29.06 2.19
CA PHE C 306 17.82 29.09 2.82
C PHE C 306 17.31 27.67 3.00
N ILE C 307 16.52 27.46 4.04
CA ILE C 307 15.76 26.22 4.18
C ILE C 307 14.26 26.53 4.23
N LEU C 308 13.49 25.83 3.42
CA LEU C 308 12.05 26.08 3.34
C LEU C 308 11.32 25.26 4.40
N GLY C 309 10.46 25.93 5.17
CA GLY C 309 9.70 25.21 6.18
C GLY C 309 8.21 25.39 5.93
N GLN C 310 7.38 24.98 6.87
CA GLN C 310 5.94 25.06 6.63
C GLN C 310 5.42 26.34 7.25
N LYS C 311 4.26 26.80 6.75
CA LYS C 311 3.57 27.94 7.36
C LYS C 311 4.42 29.20 7.29
N GLY C 312 5.10 29.40 6.15
CA GLY C 312 5.89 30.60 5.97
C GLY C 312 7.14 30.68 6.82
N ILE C 313 7.64 29.54 7.32
CA ILE C 313 8.89 29.54 8.10
C ILE C 313 10.07 29.40 7.16
N LEU C 314 11.11 30.18 7.42
CA LEU C 314 12.28 30.21 6.55
C LEU C 314 13.51 30.26 7.42
N LEU C 315 14.44 29.35 7.17
CA LEU C 315 15.76 29.44 7.77
C LEU C 315 16.68 30.13 6.78
N ARG C 316 17.47 31.09 7.28
CA ARG C 316 18.47 31.78 6.48
C ARG C 316 19.86 31.45 7.01
N TYR C 317 20.80 31.19 6.10
CA TYR C 317 22.19 30.88 6.48
C TYR C 317 22.95 32.19 6.76
N VAL C 318 23.66 32.23 7.89
CA VAL C 318 24.40 33.41 8.35
C VAL C 318 25.86 33.01 8.48
N THR C 319 26.73 33.54 7.60
CA THR C 319 28.13 33.12 7.54
C THR C 319 28.87 33.36 8.85
N ASP C 320 29.72 32.41 9.24
CA ASP C 320 30.53 32.55 10.45
C ASP C 320 31.58 33.64 10.26
#